data_5XUV
# 
_entry.id   5XUV 
# 
_audit_conform.dict_name       mmcif_pdbx.dic 
_audit_conform.dict_version    5.380 
_audit_conform.dict_location   http://mmcif.pdb.org/dictionaries/ascii/mmcif_pdbx.dic 
# 
loop_
_database_2.database_id 
_database_2.database_code 
_database_2.pdbx_database_accession 
_database_2.pdbx_DOI 
PDB   5XUV         pdb_00005xuv 10.2210/pdb5xuv/pdb 
WWPDB D_1300004214 ?            ?                   
# 
_pdbx_database_status.status_code                     REL 
_pdbx_database_status.status_code_sf                  REL 
_pdbx_database_status.status_code_mr                  ? 
_pdbx_database_status.entry_id                        5XUV 
_pdbx_database_status.recvd_initial_deposition_date   2017-06-26 
_pdbx_database_status.SG_entry                        N 
_pdbx_database_status.deposit_site                    PDBJ 
_pdbx_database_status.process_site                    PDBJ 
_pdbx_database_status.status_code_cs                  ? 
_pdbx_database_status.methods_development_category    ? 
_pdbx_database_status.pdb_format_compatible           Y 
_pdbx_database_status.status_code_nmr_data            ? 
# 
loop_
_audit_author.name 
_audit_author.pdbx_ordinal 
_audit_author.identifier_ORCID 
'Kondo, J.'     1 ? 
'Sugawara, T.'  2 ? 
'Saneyoshi, H.' 3 ? 
'Ono, A.'       4 ? 
# 
_citation.abstract                  ? 
_citation.abstract_id_CAS           ? 
_citation.book_id_ISBN              ? 
_citation.book_publisher            ? 
_citation.book_publisher_city       ? 
_citation.book_title                ? 
_citation.coordinate_linkage        ? 
_citation.country                   UK 
_citation.database_id_Medline       ? 
_citation.details                   ? 
_citation.id                        primary 
_citation.journal_abbrev            'Chem. Commun. (Camb.)' 
_citation.journal_id_ASTM           ? 
_citation.journal_id_CSD            ? 
_citation.journal_id_ISSN           1364-548X 
_citation.journal_full              ? 
_citation.journal_issue             ? 
_citation.journal_volume            53 
_citation.language                  ? 
_citation.page_first                11747 
_citation.page_last                 11750 
_citation.title                     
;Crystal structure of a DNA duplex containing four Ag(i) ions in consecutive dinuclear Ag(i)-mediated base pairs: 4-thiothymine-2Ag(i)-4-thiothymine
;
_citation.year                      2017 
_citation.database_id_CSD           ? 
_citation.pdbx_database_id_DOI      10.1039/c7cc06153f 
_citation.pdbx_database_id_PubMed   28991300 
_citation.unpublished_flag          ? 
# 
loop_
_citation_author.citation_id 
_citation_author.name 
_citation_author.ordinal 
_citation_author.identifier_ORCID 
primary 'Kondo, J.'     1 ? 
primary 'Sugawara, T.'  2 ? 
primary 'Saneyoshi, H.' 3 ? 
primary 'Ono, A.'       4 ? 
# 
_cell.angle_alpha                  90.000 
_cell.angle_alpha_esd              ? 
_cell.angle_beta                   90.000 
_cell.angle_beta_esd               ? 
_cell.angle_gamma                  90.000 
_cell.angle_gamma_esd              ? 
_cell.entry_id                     5XUV 
_cell.details                      ? 
_cell.formula_units_Z              ? 
_cell.length_a                     25.213 
_cell.length_a_esd                 ? 
_cell.length_b                     40.487 
_cell.length_b_esd                 ? 
_cell.length_c                     66.432 
_cell.length_c_esd                 ? 
_cell.volume                       ? 
_cell.volume_esd                   ? 
_cell.Z_PDB                        8 
_cell.reciprocal_angle_alpha       ? 
_cell.reciprocal_angle_beta        ? 
_cell.reciprocal_angle_gamma       ? 
_cell.reciprocal_angle_alpha_esd   ? 
_cell.reciprocal_angle_beta_esd    ? 
_cell.reciprocal_angle_gamma_esd   ? 
_cell.reciprocal_length_a          ? 
_cell.reciprocal_length_b          ? 
_cell.reciprocal_length_c          ? 
_cell.reciprocal_length_a_esd      ? 
_cell.reciprocal_length_b_esd      ? 
_cell.reciprocal_length_c_esd      ? 
_cell.pdbx_unique_axis             ? 
# 
_symmetry.entry_id                         5XUV 
_symmetry.cell_setting                     ? 
_symmetry.Int_Tables_number                19 
_symmetry.space_group_name_Hall            ? 
_symmetry.space_group_name_H-M             'P 21 21 21' 
_symmetry.pdbx_full_space_group_name_H-M   ? 
# 
loop_
_entity.id 
_entity.type 
_entity.src_method 
_entity.pdbx_description 
_entity.formula_weight 
_entity.pdbx_number_of_molecules 
_entity.pdbx_ec 
_entity.pdbx_mutation 
_entity.pdbx_fragment 
_entity.details 
1 polymer     syn 
;DNA (5'-D(*CP*GP*CP*GP*AP*(8RO)P*(8RO)P*TP*CP*GP*CP*G)-3')
;
3654.512 2  ? ? ? ? 
2 non-polymer syn 'SILVER ION'                                                 107.868  4  ? ? ? ? 
3 non-polymer syn 'POTASSIUM ION'                                              39.098   2  ? ? ? ? 
4 water       nat water                                                        18.015   23 ? ? ? ? 
# 
_entity_poly.entity_id                      1 
_entity_poly.type                           polydeoxyribonucleotide 
_entity_poly.nstd_linkage                   no 
_entity_poly.nstd_monomer                   yes 
_entity_poly.pdbx_seq_one_letter_code       '(DC)(DG)(DC)(DG)(DA)(8RO)(8RO)(DT)(DC)(DG)(DC)(DG)' 
_entity_poly.pdbx_seq_one_letter_code_can   CGCGAXXTCGCG 
_entity_poly.pdbx_strand_id                 A,B 
_entity_poly.pdbx_target_identifier         ? 
# 
loop_
_entity_poly_seq.entity_id 
_entity_poly_seq.num 
_entity_poly_seq.mon_id 
_entity_poly_seq.hetero 
1 1  DC  n 
1 2  DG  n 
1 3  DC  n 
1 4  DG  n 
1 5  DA  n 
1 6  8RO n 
1 7  8RO n 
1 8  DT  n 
1 9  DC  n 
1 10 DG  n 
1 11 DC  n 
1 12 DG  n 
# 
_pdbx_entity_src_syn.entity_id              1 
_pdbx_entity_src_syn.pdbx_src_id            1 
_pdbx_entity_src_syn.pdbx_alt_source_flag   sample 
_pdbx_entity_src_syn.pdbx_beg_seq_num       1 
_pdbx_entity_src_syn.pdbx_end_seq_num       12 
_pdbx_entity_src_syn.organism_scientific    'synthetic construct' 
_pdbx_entity_src_syn.organism_common_name   ? 
_pdbx_entity_src_syn.ncbi_taxonomy_id       32630 
_pdbx_entity_src_syn.details                ? 
# 
_struct_ref.id                         1 
_struct_ref.db_name                    PDB 
_struct_ref.db_code                    5XUV 
_struct_ref.pdbx_db_accession          5XUV 
_struct_ref.pdbx_db_isoform            ? 
_struct_ref.entity_id                  1 
_struct_ref.pdbx_seq_one_letter_code   ? 
_struct_ref.pdbx_align_begin           1 
# 
loop_
_struct_ref_seq.align_id 
_struct_ref_seq.ref_id 
_struct_ref_seq.pdbx_PDB_id_code 
_struct_ref_seq.pdbx_strand_id 
_struct_ref_seq.seq_align_beg 
_struct_ref_seq.pdbx_seq_align_beg_ins_code 
_struct_ref_seq.seq_align_end 
_struct_ref_seq.pdbx_seq_align_end_ins_code 
_struct_ref_seq.pdbx_db_accession 
_struct_ref_seq.db_align_beg 
_struct_ref_seq.pdbx_db_align_beg_ins_code 
_struct_ref_seq.db_align_end 
_struct_ref_seq.pdbx_db_align_end_ins_code 
_struct_ref_seq.pdbx_auth_seq_align_beg 
_struct_ref_seq.pdbx_auth_seq_align_end 
1 1 5XUV A 1 ? 12 ? 5XUV 1  ? 12 ? 1  12 
2 1 5XUV B 1 ? 12 ? 5XUV 13 ? 24 ? 13 24 
# 
loop_
_chem_comp.id 
_chem_comp.type 
_chem_comp.mon_nstd_flag 
_chem_comp.name 
_chem_comp.pdbx_synonyms 
_chem_comp.formula 
_chem_comp.formula_weight 
8RO 'DNA linking' n 
;[(2~{R},3~{S},5~{R})-5-(5-methyl-2-oxidanylidene-7-thia-1,3-diazabicyclo[4.1.0]hept-5-en-3-yl)-3-oxidanyl-oxolan-2-yl]methyl dihydrogen phosphite
;
? 'C10 H15 N2 O6 P S' 322.275 
AG  non-polymer   . 'SILVER ION' ? 'Ag 1'              107.868 
DA  'DNA linking' y "2'-DEOXYADENOSINE-5'-MONOPHOSPHATE" ? 'C10 H14 N5 O6 P'   331.222 
DC  'DNA linking' y "2'-DEOXYCYTIDINE-5'-MONOPHOSPHATE" ? 'C9 H14 N3 O7 P'    307.197 
DG  'DNA linking' y "2'-DEOXYGUANOSINE-5'-MONOPHOSPHATE" ? 'C10 H14 N5 O7 P'   347.221 
DT  'DNA linking' y "THYMIDINE-5'-MONOPHOSPHATE" ? 'C10 H15 N2 O8 P'   322.208 
HOH non-polymer   . WATER ? 'H2 O'              18.015  
K   non-polymer   . 'POTASSIUM ION' ? 'K 1'               39.098  
# 
_exptl.absorpt_coefficient_mu     ? 
_exptl.absorpt_correction_T_max   ? 
_exptl.absorpt_correction_T_min   ? 
_exptl.absorpt_correction_type    ? 
_exptl.absorpt_process_details    ? 
_exptl.entry_id                   5XUV 
_exptl.crystals_number            1 
_exptl.details                    ? 
_exptl.method                     'X-RAY DIFFRACTION' 
_exptl.method_details             ? 
# 
_exptl_crystal.colour                      ? 
_exptl_crystal.density_diffrn              ? 
_exptl_crystal.density_Matthews            2.32 
_exptl_crystal.density_method              ? 
_exptl_crystal.density_percent_sol         46.97 
_exptl_crystal.description                 ? 
_exptl_crystal.F_000                       ? 
_exptl_crystal.id                          1 
_exptl_crystal.preparation                 ? 
_exptl_crystal.size_max                    ? 
_exptl_crystal.size_mid                    ? 
_exptl_crystal.size_min                    ? 
_exptl_crystal.size_rad                    ? 
_exptl_crystal.colour_lustre               ? 
_exptl_crystal.colour_modifier             ? 
_exptl_crystal.colour_primary              ? 
_exptl_crystal.density_meas                ? 
_exptl_crystal.density_meas_esd            ? 
_exptl_crystal.density_meas_gt             ? 
_exptl_crystal.density_meas_lt             ? 
_exptl_crystal.density_meas_temp           ? 
_exptl_crystal.density_meas_temp_esd       ? 
_exptl_crystal.density_meas_temp_gt        ? 
_exptl_crystal.density_meas_temp_lt        ? 
_exptl_crystal.pdbx_crystal_image_url      ? 
_exptl_crystal.pdbx_crystal_image_format   ? 
_exptl_crystal.pdbx_mosaicity              ? 
_exptl_crystal.pdbx_mosaicity_esd          ? 
# 
_exptl_crystal_grow.apparatus       ? 
_exptl_crystal_grow.atmosphere      ? 
_exptl_crystal_grow.crystal_id      1 
_exptl_crystal_grow.details         ? 
_exptl_crystal_grow.method          'VAPOR DIFFUSION, HANGING DROP' 
_exptl_crystal_grow.method_ref      ? 
_exptl_crystal_grow.pH              ? 
_exptl_crystal_grow.pressure        ? 
_exptl_crystal_grow.pressure_esd    ? 
_exptl_crystal_grow.seeding         ? 
_exptl_crystal_grow.seeding_ref     ? 
_exptl_crystal_grow.temp            293 
_exptl_crystal_grow.temp_details    ? 
_exptl_crystal_grow.temp_esd        ? 
_exptl_crystal_grow.time            ? 
_exptl_crystal_grow.pdbx_details    'sodium cacodylate, silver nitrate, spermine, 2-methyl-2,4-pentanediol' 
_exptl_crystal_grow.pdbx_pH_range   ? 
# 
_diffrn.ambient_environment    ? 
_diffrn.ambient_temp           100 
_diffrn.ambient_temp_details   ? 
_diffrn.ambient_temp_esd       ? 
_diffrn.crystal_id             1 
_diffrn.crystal_support        ? 
_diffrn.crystal_treatment      ? 
_diffrn.details                ? 
_diffrn.id                     1 
_diffrn.ambient_pressure       ? 
_diffrn.ambient_pressure_esd   ? 
_diffrn.ambient_pressure_gt    ? 
_diffrn.ambient_pressure_lt    ? 
_diffrn.ambient_temp_gt        ? 
_diffrn.ambient_temp_lt        ? 
# 
_diffrn_detector.details                      ? 
_diffrn_detector.detector                     PIXEL 
_diffrn_detector.diffrn_id                    1 
_diffrn_detector.type                         'DECTRIS EIGER X 4M' 
_diffrn_detector.area_resol_mean              ? 
_diffrn_detector.dtime                        ? 
_diffrn_detector.pdbx_frames_total            ? 
_diffrn_detector.pdbx_collection_time_total   ? 
_diffrn_detector.pdbx_collection_date         2016-11-09 
# 
_diffrn_radiation.collimation                      ? 
_diffrn_radiation.diffrn_id                        1 
_diffrn_radiation.filter_edge                      ? 
_diffrn_radiation.inhomogeneity                    ? 
_diffrn_radiation.monochromator                    ? 
_diffrn_radiation.polarisn_norm                    ? 
_diffrn_radiation.polarisn_ratio                   ? 
_diffrn_radiation.probe                            ? 
_diffrn_radiation.type                             ? 
_diffrn_radiation.xray_symbol                      ? 
_diffrn_radiation.wavelength_id                    1 
_diffrn_radiation.pdbx_monochromatic_or_laue_m_l   M 
_diffrn_radiation.pdbx_wavelength_list             ? 
_diffrn_radiation.pdbx_wavelength                  ? 
_diffrn_radiation.pdbx_diffrn_protocol             'SINGLE WAVELENGTH' 
_diffrn_radiation.pdbx_analyzer                    ? 
_diffrn_radiation.pdbx_scattering_type             x-ray 
# 
_diffrn_radiation_wavelength.id           1 
_diffrn_radiation_wavelength.wavelength   0.98 
_diffrn_radiation_wavelength.wt           1.0 
# 
_diffrn_source.current                     ? 
_diffrn_source.details                     ? 
_diffrn_source.diffrn_id                   1 
_diffrn_source.power                       ? 
_diffrn_source.size                        ? 
_diffrn_source.source                      SYNCHROTRON 
_diffrn_source.target                      ? 
_diffrn_source.type                        'PHOTON FACTORY BEAMLINE BL-1A' 
_diffrn_source.voltage                     ? 
_diffrn_source.take-off_angle              ? 
_diffrn_source.pdbx_wavelength_list        0.98 
_diffrn_source.pdbx_wavelength             ? 
_diffrn_source.pdbx_synchrotron_beamline   BL-1A 
_diffrn_source.pdbx_synchrotron_site       'Photon Factory' 
# 
_reflns.B_iso_Wilson_estimate            31.830 
_reflns.entry_id                         5XUV 
_reflns.data_reduction_details           ? 
_reflns.data_reduction_method            ? 
_reflns.d_resolution_high                1.900 
_reflns.d_resolution_low                 33.216 
_reflns.details                          ? 
_reflns.limit_h_max                      ? 
_reflns.limit_h_min                      ? 
_reflns.limit_k_max                      ? 
_reflns.limit_k_min                      ? 
_reflns.limit_l_max                      ? 
_reflns.limit_l_min                      ? 
_reflns.number_all                       ? 
_reflns.number_obs                       10314 
_reflns.observed_criterion               ? 
_reflns.observed_criterion_F_max         ? 
_reflns.observed_criterion_F_min         ? 
_reflns.observed_criterion_I_max         ? 
_reflns.observed_criterion_I_min         ? 
_reflns.observed_criterion_sigma_F       ? 
_reflns.observed_criterion_sigma_I       -3.000 
_reflns.percent_possible_obs             99.700 
_reflns.R_free_details                   ? 
_reflns.Rmerge_F_all                     ? 
_reflns.Rmerge_F_obs                     ? 
_reflns.Friedel_coverage                 ? 
_reflns.number_gt                        ? 
_reflns.threshold_expression             ? 
_reflns.pdbx_redundancy                  6.703 
_reflns.pdbx_Rmerge_I_obs                0.045 
_reflns.pdbx_Rmerge_I_all                ? 
_reflns.pdbx_Rsym_value                  ? 
_reflns.pdbx_netI_over_av_sigmaI         ? 
_reflns.pdbx_netI_over_sigmaI            20.500 
_reflns.pdbx_res_netI_over_av_sigmaI_2   ? 
_reflns.pdbx_res_netI_over_sigmaI_2      ? 
_reflns.pdbx_chi_squared                 1.315 
_reflns.pdbx_scaling_rejects             ? 
_reflns.pdbx_d_res_high_opt              ? 
_reflns.pdbx_d_res_low_opt               ? 
_reflns.pdbx_d_res_opt_method            ? 
_reflns.phase_calculation_details        ? 
_reflns.pdbx_Rrim_I_all                  0.049 
_reflns.pdbx_Rpim_I_all                  ? 
_reflns.pdbx_d_opt                       ? 
_reflns.pdbx_number_measured_all         ? 
_reflns.pdbx_diffrn_id                   1 
_reflns.pdbx_ordinal                     1 
_reflns.pdbx_CC_half                     0.999 
_reflns.pdbx_R_split                     ? 
# 
loop_
_reflns_shell.d_res_high 
_reflns_shell.d_res_low 
_reflns_shell.meanI_over_sigI_all 
_reflns_shell.meanI_over_sigI_obs 
_reflns_shell.number_measured_all 
_reflns_shell.number_measured_obs 
_reflns_shell.number_possible 
_reflns_shell.number_unique_all 
_reflns_shell.number_unique_obs 
_reflns_shell.percent_possible_all 
_reflns_shell.percent_possible_obs 
_reflns_shell.Rmerge_F_all 
_reflns_shell.Rmerge_F_obs 
_reflns_shell.Rmerge_I_all 
_reflns_shell.Rmerge_I_obs 
_reflns_shell.meanI_over_sigI_gt 
_reflns_shell.meanI_over_uI_all 
_reflns_shell.meanI_over_uI_gt 
_reflns_shell.number_measured_gt 
_reflns_shell.number_unique_gt 
_reflns_shell.percent_possible_gt 
_reflns_shell.Rmerge_F_gt 
_reflns_shell.Rmerge_I_gt 
_reflns_shell.pdbx_redundancy 
_reflns_shell.pdbx_Rsym_value 
_reflns_shell.pdbx_chi_squared 
_reflns_shell.pdbx_netI_over_sigmaI_all 
_reflns_shell.pdbx_netI_over_sigmaI_obs 
_reflns_shell.pdbx_Rrim_I_all 
_reflns_shell.pdbx_Rpim_I_all 
_reflns_shell.pdbx_rejects 
_reflns_shell.pdbx_ordinal 
_reflns_shell.pdbx_diffrn_id 
_reflns_shell.pdbx_CC_half 
_reflns_shell.pdbx_R_split 
1.900 1.950  ? 5.020  ? ? ? ? 737 96.800  ? ? ? ? 0.293 ? ? ? ? ? ? ? ? 6.345 ? ? ? ? 0.319 ? ? 1  1 0.982 ? 
1.950 2.000  ? 5.730  ? ? ? ? 719 100.000 ? ? ? ? 0.259 ? ? ? ? ? ? ? ? 6.478 ? ? ? ? 0.281 ? ? 2  1 0.987 ? 
2.000 2.060  ? 6.850  ? ? ? ? 732 100.000 ? ? ? ? 0.228 ? ? ? ? ? ? ? ? 6.440 ? ? ? ? 0.248 ? ? 3  1 0.987 ? 
2.060 2.120  ? 8.280  ? ? ? ? 711 99.900  ? ? ? ? 0.199 ? ? ? ? ? ? ? ? 6.958 ? ? ? ? 0.215 ? ? 4  1 0.988 ? 
2.120 2.190  ? 10.810 ? ? ? ? 676 99.900  ? ? ? ? 0.140 ? ? ? ? ? ? ? ? 7.121 ? ? ? ? 0.150 ? ? 5  1 0.997 ? 
2.190 2.270  ? 12.500 ? ? ? ? 696 100.000 ? ? ? ? 0.113 ? ? ? ? ? ? ? ? 6.819 ? ? ? ? 0.123 ? ? 6  1 0.997 ? 
2.270 2.360  ? 14.880 ? ? ? ? 615 100.000 ? ? ? ? 0.097 ? ? ? ? ? ? ? ? 7.000 ? ? ? ? 0.104 ? ? 7  1 0.998 ? 
2.360 2.450  ? 17.840 ? ? ? ? 605 100.000 ? ? ? ? 0.073 ? ? ? ? ? ? ? ? 6.645 ? ? ? ? 0.080 ? ? 8  1 0.999 ? 
2.450 2.560  ? 20.180 ? ? ? ? 602 100.000 ? ? ? ? 0.078 ? ? ? ? ? ? ? ? 6.600 ? ? ? ? 0.084 ? ? 9  1 0.998 ? 
2.560 2.690  ? 22.760 ? ? ? ? 564 100.000 ? ? ? ? 0.068 ? ? ? ? ? ? ? ? 6.484 ? ? ? ? 0.074 ? ? 10 1 0.998 ? 
2.690 2.830  ? 26.360 ? ? ? ? 540 100.000 ? ? ? ? 0.058 ? ? ? ? ? ? ? ? 7.202 ? ? ? ? 0.062 ? ? 11 1 0.999 ? 
2.830 3.000  ? 28.670 ? ? ? ? 495 100.000 ? ? ? ? 0.045 ? ? ? ? ? ? ? ? 7.071 ? ? ? ? 0.049 ? ? 12 1 1.000 ? 
3.000 3.210  ? 33.170 ? ? ? ? 483 99.600  ? ? ? ? 0.036 ? ? ? ? ? ? ? ? 6.863 ? ? ? ? 0.039 ? ? 13 1 1.000 ? 
3.210 3.470  ? 34.680 ? ? ? ? 433 99.500  ? ? ? ? 0.043 ? ? ? ? ? ? ? ? 6.430 ? ? ? ? 0.047 ? ? 14 1 0.999 ? 
3.470 3.800  ? 38.030 ? ? ? ? 406 100.000 ? ? ? ? 0.037 ? ? ? ? ? ? ? ? 6.217 ? ? ? ? 0.041 ? ? 15 1 0.999 ? 
3.800 4.250  ? 42.230 ? ? ? ? 374 100.000 ? ? ? ? 0.036 ? ? ? ? ? ? ? ? 6.564 ? ? ? ? 0.040 ? ? 16 1 0.999 ? 
4.250 4.900  ? 42.830 ? ? ? ? 329 100.000 ? ? ? ? 0.035 ? ? ? ? ? ? ? ? 6.742 ? ? ? ? 0.038 ? ? 17 1 0.999 ? 
4.900 6.010  ? 43.590 ? ? ? ? 273 100.000 ? ? ? ? 0.033 ? ? ? ? ? ? ? ? 6.692 ? ? ? ? 0.036 ? ? 18 1 0.999 ? 
6.010 8.490  ? 44.540 ? ? ? ? 210 100.000 ? ? ? ? 0.033 ? ? ? ? ? ? ? ? 6.086 ? ? ? ? 0.036 ? ? 19 1 0.999 ? 
8.490 33.216 ? 50.350 ? ? ? ? 114 99.100  ? ? ? ? 0.028 ? ? ? ? ? ? ? ? 7.325 ? ? ? ? 0.030 ? ? 20 1 0.999 ? 
# 
_refine.aniso_B[1][1]                            ? 
_refine.aniso_B[1][2]                            ? 
_refine.aniso_B[1][3]                            ? 
_refine.aniso_B[2][2]                            ? 
_refine.aniso_B[2][3]                            ? 
_refine.aniso_B[3][3]                            ? 
_refine.B_iso_max                                64.980 
_refine.B_iso_mean                               41.1742 
_refine.B_iso_min                                30.960 
_refine.correlation_coeff_Fo_to_Fc               ? 
_refine.correlation_coeff_Fo_to_Fc_free          ? 
_refine.details                                  ? 
_refine.diff_density_max                         ? 
_refine.diff_density_max_esd                     ? 
_refine.diff_density_min                         ? 
_refine.diff_density_min_esd                     ? 
_refine.diff_density_rms                         ? 
_refine.diff_density_rms_esd                     ? 
_refine.entry_id                                 5XUV 
_refine.pdbx_refine_id                           'X-RAY DIFFRACTION' 
_refine.ls_abs_structure_details                 ? 
_refine.ls_abs_structure_Flack                   ? 
_refine.ls_abs_structure_Flack_esd               ? 
_refine.ls_abs_structure_Rogers                  ? 
_refine.ls_abs_structure_Rogers_esd              ? 
_refine.ls_d_res_high                            1.9 
_refine.ls_d_res_low                             33.2160 
_refine.ls_extinction_coef                       ? 
_refine.ls_extinction_coef_esd                   ? 
_refine.ls_extinction_expression                 ? 
_refine.ls_extinction_method                     ? 
_refine.ls_goodness_of_fit_all                   ? 
_refine.ls_goodness_of_fit_all_esd               ? 
_refine.ls_goodness_of_fit_obs                   ? 
_refine.ls_goodness_of_fit_obs_esd               ? 
_refine.ls_hydrogen_treatment                    ? 
_refine.ls_matrix_type                           ? 
_refine.ls_number_constraints                    ? 
_refine.ls_number_parameters                     ? 
_refine.ls_number_reflns_all                     ? 
_refine.ls_number_reflns_obs                     10250 
_refine.ls_number_reflns_R_free                  997 
_refine.ls_number_reflns_R_work                  ? 
_refine.ls_number_restraints                     ? 
_refine.ls_percent_reflns_obs                    98.9800 
_refine.ls_percent_reflns_R_free                 9.7300 
_refine.ls_R_factor_all                          ? 
_refine.ls_R_factor_obs                          0.1890 
_refine.ls_R_factor_R_free                       0.2216 
_refine.ls_R_factor_R_free_error                 ? 
_refine.ls_R_factor_R_free_error_details         ? 
_refine.ls_R_factor_R_work                       0.1854 
_refine.ls_R_Fsqd_factor_obs                     ? 
_refine.ls_R_I_factor_obs                        ? 
_refine.ls_redundancy_reflns_all                 ? 
_refine.ls_redundancy_reflns_obs                 ? 
_refine.ls_restrained_S_all                      ? 
_refine.ls_restrained_S_obs                      ? 
_refine.ls_shift_over_esd_max                    ? 
_refine.ls_shift_over_esd_mean                   ? 
_refine.ls_structure_factor_coef                 ? 
_refine.ls_weighting_details                     ? 
_refine.ls_weighting_scheme                      ? 
_refine.ls_wR_factor_all                         ? 
_refine.ls_wR_factor_obs                         ? 
_refine.ls_wR_factor_R_free                      ? 
_refine.ls_wR_factor_R_work                      ? 
_refine.occupancy_max                            ? 
_refine.occupancy_min                            ? 
_refine.solvent_model_details                    ? 
_refine.solvent_model_param_bsol                 ? 
_refine.solvent_model_param_ksol                 ? 
_refine.ls_R_factor_gt                           ? 
_refine.ls_goodness_of_fit_gt                    ? 
_refine.ls_goodness_of_fit_ref                   ? 
_refine.ls_shift_over_su_max                     ? 
_refine.ls_shift_over_su_max_lt                  ? 
_refine.ls_shift_over_su_mean                    ? 
_refine.ls_shift_over_su_mean_lt                 ? 
_refine.pdbx_ls_sigma_I                          ? 
_refine.pdbx_ls_sigma_F                          1.920 
_refine.pdbx_ls_sigma_Fsqd                       ? 
_refine.pdbx_data_cutoff_high_absF               ? 
_refine.pdbx_data_cutoff_high_rms_absF           ? 
_refine.pdbx_data_cutoff_low_absF                ? 
_refine.pdbx_isotropic_thermal_model             ? 
_refine.pdbx_ls_cross_valid_method               'FREE R-VALUE' 
_refine.pdbx_method_to_determine_struct          'MOLECULAR REPLACEMENT' 
_refine.pdbx_starting_model                      4L24 
_refine.pdbx_stereochemistry_target_values       ? 
_refine.pdbx_R_Free_selection_details            ? 
_refine.pdbx_stereochem_target_val_spec_case     ? 
_refine.pdbx_overall_ESU_R                       ? 
_refine.pdbx_overall_ESU_R_Free                  ? 
_refine.pdbx_solvent_vdw_probe_radii             1.1100 
_refine.pdbx_solvent_ion_probe_radii             ? 
_refine.pdbx_solvent_shrinkage_radii             0.9000 
_refine.pdbx_real_space_R                        ? 
_refine.pdbx_density_correlation                 ? 
_refine.pdbx_pd_number_of_powder_patterns        ? 
_refine.pdbx_pd_number_of_points                 ? 
_refine.pdbx_pd_meas_number_of_points            ? 
_refine.pdbx_pd_proc_ls_prof_R_factor            ? 
_refine.pdbx_pd_proc_ls_prof_wR_factor           ? 
_refine.pdbx_pd_Marquardt_correlation_coeff      ? 
_refine.pdbx_pd_Fsqrd_R_factor                   ? 
_refine.pdbx_pd_ls_matrix_band_width             ? 
_refine.pdbx_overall_phase_error                 23.8400 
_refine.pdbx_overall_SU_R_free_Cruickshank_DPI   ? 
_refine.pdbx_overall_SU_R_free_Blow_DPI          ? 
_refine.pdbx_overall_SU_R_Blow_DPI               ? 
_refine.pdbx_TLS_residual_ADP_flag               ? 
_refine.pdbx_diffrn_id                           1 
_refine.overall_SU_B                             ? 
_refine.overall_SU_ML                            0.1600 
_refine.overall_SU_R_Cruickshank_DPI             ? 
_refine.overall_SU_R_free                        ? 
_refine.overall_FOM_free_R_set                   ? 
_refine.overall_FOM_work_R_set                   ? 
_refine.pdbx_average_fsc_overall                 ? 
_refine.pdbx_average_fsc_work                    ? 
_refine.pdbx_average_fsc_free                    ? 
# 
_refine_hist.cycle_id                         final 
_refine_hist.pdbx_refine_id                   'X-RAY DIFFRACTION' 
_refine_hist.d_res_high                       1.9 
_refine_hist.d_res_low                        33.2160 
_refine_hist.pdbx_number_atoms_ligand         50 
_refine_hist.number_atoms_solvent             23 
_refine_hist.number_atoms_total               557 
_refine_hist.pdbx_number_residues_total       22 
_refine_hist.pdbx_B_iso_mean_ligand           41.70 
_refine_hist.pdbx_B_iso_mean_solvent          42.15 
_refine_hist.pdbx_number_atoms_protein        0 
_refine_hist.pdbx_number_atoms_nucleic_acid   484 
# 
loop_
_refine_ls_restr.pdbx_refine_id 
_refine_ls_restr.criterion 
_refine_ls_restr.dev_ideal 
_refine_ls_restr.dev_ideal_target 
_refine_ls_restr.number 
_refine_ls_restr.rejects 
_refine_ls_restr.type 
_refine_ls_restr.weight 
_refine_ls_restr.pdbx_restraint_function 
'X-RAY DIFFRACTION' ? 0.008  ? 540 ? f_bond_d           ? ? 
'X-RAY DIFFRACTION' ? 1.088  ? 830 ? f_angle_d          ? ? 
'X-RAY DIFFRACTION' ? 0.047  ? 90  ? f_chiral_restr     ? ? 
'X-RAY DIFFRACTION' ? 0.007  ? 24  ? f_plane_restr      ? ? 
'X-RAY DIFFRACTION' ? 34.381 ? 208 ? f_dihedral_angle_d ? ? 
# 
loop_
_refine_ls_shell.pdbx_refine_id 
_refine_ls_shell.d_res_high 
_refine_ls_shell.d_res_low 
_refine_ls_shell.number_reflns_all 
_refine_ls_shell.number_reflns_obs 
_refine_ls_shell.number_reflns_R_free 
_refine_ls_shell.number_reflns_R_work 
_refine_ls_shell.percent_reflns_obs 
_refine_ls_shell.percent_reflns_R_free 
_refine_ls_shell.R_factor_all 
_refine_ls_shell.R_factor_obs 
_refine_ls_shell.R_factor_R_free 
_refine_ls_shell.R_factor_R_free_error 
_refine_ls_shell.R_factor_R_work 
_refine_ls_shell.redundancy_reflns_all 
_refine_ls_shell.redundancy_reflns_obs 
_refine_ls_shell.wR_factor_all 
_refine_ls_shell.wR_factor_obs 
_refine_ls_shell.wR_factor_R_free 
_refine_ls_shell.wR_factor_R_work 
_refine_ls_shell.pdbx_total_number_of_bins_used 
_refine_ls_shell.pdbx_phase_error 
_refine_ls_shell.pdbx_fsc_work 
_refine_ls_shell.pdbx_fsc_free 
'X-RAY DIFFRACTION' 1.8988 1.9989  1430 . 130 1300 98.0000  . . . 0.2381 0.0000 0.2142 . . . . . . 7 . . . 
'X-RAY DIFFRACTION' 1.9989 2.1241  1477 . 150 1327 100.0000 . . . 0.2014 0.0000 0.1987 . . . . . . 7 . . . 
'X-RAY DIFFRACTION' 2.1241 2.2881  1487 . 153 1334 99.0000  . . . 0.2293 0.0000 0.1958 . . . . . . 7 . . . 
'X-RAY DIFFRACTION' 2.2881 2.5182  1485 . 134 1351 100.0000 . . . 0.2248 0.0000 0.2001 . . . . . . 7 . . . 
'X-RAY DIFFRACTION' 2.5182 2.8825  1470 . 135 1335 100.0000 . . . 0.2665 0.0000 0.2121 . . . . . . 7 . . . 
'X-RAY DIFFRACTION' 2.8825 3.6309  1422 . 125 1297 96.0000  . . . 0.2804 0.0000 0.2161 . . . . . . 7 . . . 
'X-RAY DIFFRACTION' 3.6309 33.2211 1479 . 170 1309 100.0000 . . . 0.1838 0.0000 0.1472 . . . . . . 7 . . . 
# 
_struct.entry_id                     5XUV 
_struct.title                        'Crystal structure of DNA duplex containing 4-thiothymine-2Ag(I)-4-thiothymine base pairs' 
_struct.pdbx_model_details           ? 
_struct.pdbx_formula_weight          ? 
_struct.pdbx_formula_weight_method   ? 
_struct.pdbx_model_type_details      ? 
_struct.pdbx_CASP_flag               N 
# 
_struct_keywords.entry_id        5XUV 
_struct_keywords.text            'DNA, metallo-base pair, silver' 
_struct_keywords.pdbx_keywords   DNA 
# 
loop_
_struct_asym.id 
_struct_asym.pdbx_blank_PDB_chainid_flag 
_struct_asym.pdbx_modified 
_struct_asym.entity_id 
_struct_asym.details 
A N N 1 ? 
B N N 1 ? 
C N N 2 ? 
D N N 2 ? 
E N N 3 ? 
F N N 3 ? 
G N N 2 ? 
H N N 2 ? 
I N N 4 ? 
J N N 4 ? 
# 
loop_
_struct_conn.id 
_struct_conn.conn_type_id 
_struct_conn.pdbx_leaving_atom_flag 
_struct_conn.pdbx_PDB_id 
_struct_conn.ptnr1_label_asym_id 
_struct_conn.ptnr1_label_comp_id 
_struct_conn.ptnr1_label_seq_id 
_struct_conn.ptnr1_label_atom_id 
_struct_conn.pdbx_ptnr1_label_alt_id 
_struct_conn.pdbx_ptnr1_PDB_ins_code 
_struct_conn.pdbx_ptnr1_standard_comp_id 
_struct_conn.ptnr1_symmetry 
_struct_conn.ptnr2_label_asym_id 
_struct_conn.ptnr2_label_comp_id 
_struct_conn.ptnr2_label_seq_id 
_struct_conn.ptnr2_label_atom_id 
_struct_conn.pdbx_ptnr2_label_alt_id 
_struct_conn.pdbx_ptnr2_PDB_ins_code 
_struct_conn.ptnr1_auth_asym_id 
_struct_conn.ptnr1_auth_comp_id 
_struct_conn.ptnr1_auth_seq_id 
_struct_conn.ptnr2_auth_asym_id 
_struct_conn.ptnr2_auth_comp_id 
_struct_conn.ptnr2_auth_seq_id 
_struct_conn.ptnr2_symmetry 
_struct_conn.pdbx_ptnr3_label_atom_id 
_struct_conn.pdbx_ptnr3_label_seq_id 
_struct_conn.pdbx_ptnr3_label_comp_id 
_struct_conn.pdbx_ptnr3_label_asym_id 
_struct_conn.pdbx_ptnr3_label_alt_id 
_struct_conn.pdbx_ptnr3_PDB_ins_code 
_struct_conn.details 
_struct_conn.pdbx_dist_value 
_struct_conn.pdbx_value_order 
_struct_conn.pdbx_role 
covale1  covale one  ? A DA  5  "O3'" ? ? ? 1_555 A 8RO 6  P     ? ? A DA  5   A 8RO 6   1_555 ? ? ? ? ? ? ?            1.608 ? ? 
covale2  covale none ? A 8RO 6  "O3'" ? ? ? 1_555 A 8RO 7  P     ? ? A 8RO 6   A 8RO 7   1_555 ? ? ? ? ? ? ?            1.613 ? ? 
covale3  covale one  ? A 8RO 7  "O3'" ? ? ? 1_555 A DT  8  P     ? ? A 8RO 7   A DT  8   1_555 ? ? ? ? ? ? ?            1.601 ? ? 
covale4  covale one  ? B DA  5  "O3'" ? ? ? 1_555 B 8RO 6  P     ? ? B DA  17  B 8RO 18  1_555 ? ? ? ? ? ? ?            1.605 ? ? 
covale5  covale none ? B 8RO 6  "O3'" ? ? ? 1_555 B 8RO 7  P     ? ? B 8RO 18  B 8RO 19  1_555 ? ? ? ? ? ? ?            1.604 ? ? 
covale6  covale one  ? B 8RO 7  "O3'" ? ? ? 1_555 B DT  8  P     ? ? B 8RO 19  B DT  20  1_555 ? ? ? ? ? ? ?            1.606 ? ? 
metalc1  metalc ?    ? A 8RO 6  N3    ? ? ? 1_555 C AG  .  AG    ? ? A 8RO 6   A AG  101 1_555 ? ? ? ? ? ? ?            2.126 ? ? 
metalc2  metalc ?    ? A 8RO 6  S4    ? ? ? 1_555 D AG  .  AG    ? ? A 8RO 6   A AG  102 1_555 ? ? ? ? ? ? ?            2.750 ? ? 
metalc3  metalc ?    ? A 8RO 6  O2    ? ? ? 1_555 E K   .  K     ? ? A 8RO 6   A K   103 1_555 ? ? ? ? ? ? ?            2.653 ? ? 
metalc4  metalc ?    ? A 8RO 6  S4    ? ? ? 1_555 H AG  .  AG    ? ? A 8RO 6   B AG  102 1_555 ? ? ? ? ? ? ?            2.369 ? ? 
metalc5  metalc ?    ? A 8RO 7  S4    ? ? ? 1_555 D AG  .  AG    ? ? A 8RO 7   A AG  102 1_555 ? ? ? ? ? ? ?            2.481 ? ? 
metalc6  metalc ?    ? A 8RO 7  "O4'" ? ? ? 1_555 E K   .  K     ? ? A 8RO 7   A K   103 1_555 ? ? ? ? ? ? ?            3.052 ? ? 
metalc7  metalc ?    ? A 8RO 7  O2    ? ? ? 1_555 E K   .  K     ? ? A 8RO 7   A K   103 1_555 ? ? ? ? ? ? ?            3.154 ? ? 
metalc8  metalc ?    ? A 8RO 7  O2    ? ? ? 1_555 F K   .  K     ? ? A 8RO 7   A K   104 1_555 ? ? ? ? ? ? ?            2.692 ? ? 
metalc9  metalc ?    ? A 8RO 7  N3    ? ? ? 1_555 G AG  .  AG    ? ? A 8RO 7   B AG  101 1_555 ? ? ? ? ? ? ?            2.229 ? ? 
metalc10 metalc ?    ? A DT  8  O2    ? ? ? 1_555 F K   .  K     ? ? A DT  8   A K   104 1_555 ? ? ? ? ? ? ?            2.655 ? ? 
metalc11 metalc ?    ? C AG  .  AG    ? ? ? 1_555 B 8RO 7  N3    ? ? A AG  101 B 8RO 19  1_555 ? ? ? ? ? ? ?            2.078 ? ? 
metalc12 metalc ?    ? D AG  .  AG    ? ? ? 1_555 B 8RO 6  S4    ? ? A AG  102 B 8RO 18  1_555 ? ? ? ? ? ? ?            2.385 ? ? 
metalc13 metalc ?    ? E K   .  K     ? ? ? 1_555 B 8RO 7  O2    ? ? A K   103 B 8RO 19  1_555 ? ? ? ? ? ? ?            2.683 ? ? 
metalc14 metalc ?    ? E K   .  K     ? ? ? 1_555 B DT  8  O2    ? ? A K   103 B DT  20  1_555 ? ? ? ? ? ? ?            2.888 ? ? 
metalc15 metalc ?    ? E K   .  K     ? ? ? 1_555 J HOH .  O     ? ? A K   103 B HOH 206 1_555 ? ? ? ? ? ? ?            2.711 ? ? 
metalc16 metalc ?    ? F K   .  K     ? ? ? 1_555 I HOH .  O     ? ? A K   104 A HOH 204 1_555 ? ? ? ? ? ? ?            2.729 ? ? 
metalc17 metalc ?    ? F K   .  K     ? ? ? 1_555 I HOH .  O     ? ? A K   104 A HOH 214 1_555 ? ? ? ? ? ? ?            2.638 ? ? 
metalc18 metalc ?    ? F K   .  K     ? ? ? 1_555 B 8RO 6  O2    ? ? A K   104 B 8RO 18  1_555 ? ? ? ? ? ? ?            2.810 ? ? 
metalc19 metalc ?    ? F K   .  K     ? ? ? 1_555 B 8RO 7  "O4'" ? ? A K   104 B 8RO 19  1_555 ? ? ? ? ? ? ?            3.172 ? ? 
metalc20 metalc ?    ? F K   .  K     ? ? ? 1_555 B 8RO 7  O2    ? ? A K   104 B 8RO 19  1_555 ? ? ? ? ? ? ?            3.269 ? ? 
metalc21 metalc ?    ? B 8RO 6  N3    ? ? ? 1_555 G AG  .  AG    ? ? B 8RO 18  B AG  101 1_555 ? ? ? ? ? ? ?            2.196 ? ? 
metalc22 metalc ?    ? B 8RO 6  S4    ? ? ? 1_555 H AG  .  AG    ? ? B 8RO 18  B AG  102 1_555 ? ? ? ? ? ? ?            2.688 ? ? 
metalc23 metalc ?    ? B 8RO 7  S4    ? ? ? 1_555 H AG  .  AG    ? ? B 8RO 19  B AG  102 1_555 ? ? ? ? ? ? ?            2.379 ? ? 
hydrog1  hydrog ?    ? A DC  1  N3    ? ? ? 1_555 B DG  12 N1    ? ? A DC  1   B DG  24  1_555 ? ? ? ? ? ? WATSON-CRICK ?     ? ? 
hydrog2  hydrog ?    ? A DC  1  N4    ? ? ? 1_555 B DG  12 O6    ? ? A DC  1   B DG  24  1_555 ? ? ? ? ? ? WATSON-CRICK ?     ? ? 
hydrog3  hydrog ?    ? A DC  1  O2    ? ? ? 1_555 B DG  12 N2    ? ? A DC  1   B DG  24  1_555 ? ? ? ? ? ? WATSON-CRICK ?     ? ? 
hydrog4  hydrog ?    ? A DG  2  N1    ? ? ? 1_555 B DC  11 N3    ? ? A DG  2   B DC  23  1_555 ? ? ? ? ? ? WATSON-CRICK ?     ? ? 
hydrog5  hydrog ?    ? A DG  2  N2    ? ? ? 1_555 B DC  11 O2    ? ? A DG  2   B DC  23  1_555 ? ? ? ? ? ? WATSON-CRICK ?     ? ? 
hydrog6  hydrog ?    ? A DG  2  O6    ? ? ? 1_555 B DC  11 N4    ? ? A DG  2   B DC  23  1_555 ? ? ? ? ? ? WATSON-CRICK ?     ? ? 
hydrog7  hydrog ?    ? A DC  3  N3    ? ? ? 1_555 B DG  10 N1    ? ? A DC  3   B DG  22  1_555 ? ? ? ? ? ? WATSON-CRICK ?     ? ? 
hydrog8  hydrog ?    ? A DC  3  N4    ? ? ? 1_555 B DG  10 O6    ? ? A DC  3   B DG  22  1_555 ? ? ? ? ? ? WATSON-CRICK ?     ? ? 
hydrog9  hydrog ?    ? A DC  3  O2    ? ? ? 1_555 B DG  10 N2    ? ? A DC  3   B DG  22  1_555 ? ? ? ? ? ? WATSON-CRICK ?     ? ? 
hydrog10 hydrog ?    ? A DG  4  N1    ? ? ? 1_555 B DC  9  N3    ? ? A DG  4   B DC  21  1_555 ? ? ? ? ? ? WATSON-CRICK ?     ? ? 
hydrog11 hydrog ?    ? A DG  4  N2    ? ? ? 1_555 B DC  9  O2    ? ? A DG  4   B DC  21  1_555 ? ? ? ? ? ? WATSON-CRICK ?     ? ? 
hydrog12 hydrog ?    ? A DG  4  O6    ? ? ? 1_555 B DC  9  N4    ? ? A DG  4   B DC  21  1_555 ? ? ? ? ? ? WATSON-CRICK ?     ? ? 
hydrog13 hydrog ?    ? A DA  5  N1    ? ? ? 1_555 B DT  8  N3    ? ? A DA  5   B DT  20  1_555 ? ? ? ? ? ? WATSON-CRICK ?     ? ? 
hydrog14 hydrog ?    ? A DA  5  N6    ? ? ? 1_555 B DT  8  O4    ? ? A DA  5   B DT  20  1_555 ? ? ? ? ? ? WATSON-CRICK ?     ? ? 
hydrog15 hydrog ?    ? A DT  8  N3    ? ? ? 1_555 B DA  5  N1    ? ? A DT  8   B DA  17  1_555 ? ? ? ? ? ? WATSON-CRICK ?     ? ? 
hydrog16 hydrog ?    ? A DT  8  O4    ? ? ? 1_555 B DA  5  N6    ? ? A DT  8   B DA  17  1_555 ? ? ? ? ? ? WATSON-CRICK ?     ? ? 
hydrog17 hydrog ?    ? A DC  9  N3    ? ? ? 1_555 B DG  4  N1    ? ? A DC  9   B DG  16  1_555 ? ? ? ? ? ? WATSON-CRICK ?     ? ? 
hydrog18 hydrog ?    ? A DC  9  N4    ? ? ? 1_555 B DG  4  O6    ? ? A DC  9   B DG  16  1_555 ? ? ? ? ? ? WATSON-CRICK ?     ? ? 
hydrog19 hydrog ?    ? A DC  9  O2    ? ? ? 1_555 B DG  4  N2    ? ? A DC  9   B DG  16  1_555 ? ? ? ? ? ? WATSON-CRICK ?     ? ? 
hydrog20 hydrog ?    ? A DG  10 N1    ? ? ? 1_555 B DC  3  N3    ? ? A DG  10  B DC  15  1_555 ? ? ? ? ? ? WATSON-CRICK ?     ? ? 
hydrog21 hydrog ?    ? A DG  10 N2    ? ? ? 1_555 B DC  3  O2    ? ? A DG  10  B DC  15  1_555 ? ? ? ? ? ? WATSON-CRICK ?     ? ? 
hydrog22 hydrog ?    ? A DG  10 O6    ? ? ? 1_555 B DC  3  N4    ? ? A DG  10  B DC  15  1_555 ? ? ? ? ? ? WATSON-CRICK ?     ? ? 
hydrog23 hydrog ?    ? A DC  11 N3    ? ? ? 1_555 B DG  2  N1    ? ? A DC  11  B DG  14  1_555 ? ? ? ? ? ? WATSON-CRICK ?     ? ? 
hydrog24 hydrog ?    ? A DC  11 N4    ? ? ? 1_555 B DG  2  O6    ? ? A DC  11  B DG  14  1_555 ? ? ? ? ? ? WATSON-CRICK ?     ? ? 
hydrog25 hydrog ?    ? A DC  11 O2    ? ? ? 1_555 B DG  2  N2    ? ? A DC  11  B DG  14  1_555 ? ? ? ? ? ? WATSON-CRICK ?     ? ? 
hydrog26 hydrog ?    ? A DG  12 N1    ? ? ? 1_555 B DC  1  N3    ? ? A DG  12  B DC  13  1_555 ? ? ? ? ? ? WATSON-CRICK ?     ? ? 
hydrog27 hydrog ?    ? A DG  12 N2    ? ? ? 1_555 B DC  1  O2    ? ? A DG  12  B DC  13  1_555 ? ? ? ? ? ? WATSON-CRICK ?     ? ? 
hydrog28 hydrog ?    ? A DG  12 O6    ? ? ? 1_555 B DC  1  N4    ? ? A DG  12  B DC  13  1_555 ? ? ? ? ? ? WATSON-CRICK ?     ? ? 
# 
loop_
_struct_conn_type.id 
_struct_conn_type.criteria 
_struct_conn_type.reference 
covale ? ? 
metalc ? ? 
hydrog ? ? 
# 
loop_
_struct_site.id 
_struct_site.pdbx_evidence_code 
_struct_site.pdbx_auth_asym_id 
_struct_site.pdbx_auth_comp_id 
_struct_site.pdbx_auth_seq_id 
_struct_site.pdbx_auth_ins_code 
_struct_site.pdbx_num_residues 
_struct_site.details 
AC1 Software A AG  101 ? 5  'binding site for residue AG A 101'                   
AC2 Software A AG  102 ? 7  'binding site for residue AG A 102'                   
AC3 Software A K   103 ? 5  'binding site for residue K A 103'                    
AC4 Software A K   104 ? 6  'binding site for residue K A 104'                    
AC5 Software B AG  101 ? 6  'binding site for residue AG B 101'                   
AC6 Software B AG  102 ? 6  'binding site for residue AG B 102'                   
AC7 Software A 8RO 6   ? 16 'binding site for residues 8RO A 6 and 8RO A 7'       
AC8 Software B DA  17  ? 13 'binding site for Di-nucleotide DA B 17 and 8RO B 18' 
AC9 Software B 8RO 18  ? 12 'binding site for residues 8RO B 18 and 8RO B 19'     
AD1 Software B 8RO 19  ? 10 'binding site for Di-nucleotide 8RO B 19 and DT B 20' 
# 
loop_
_struct_site_gen.id 
_struct_site_gen.site_id 
_struct_site_gen.pdbx_num_res 
_struct_site_gen.label_comp_id 
_struct_site_gen.label_asym_id 
_struct_site_gen.label_seq_id 
_struct_site_gen.pdbx_auth_ins_code 
_struct_site_gen.auth_comp_id 
_struct_site_gen.auth_asym_id 
_struct_site_gen.auth_seq_id 
_struct_site_gen.label_atom_id 
_struct_site_gen.label_alt_id 
_struct_site_gen.symmetry 
_struct_site_gen.details 
1  AC1 5  DA  A 5  ? DA  A 5   . ? 1_555 ? 
2  AC1 5  8RO A 6  ? 8RO A 6   . ? 1_555 ? 
3  AC1 5  8RO B 7  ? 8RO B 19  . ? 1_555 ? 
4  AC1 5  AG  G .  ? AG  B 101 . ? 1_555 ? 
5  AC1 5  AG  H .  ? AG  B 102 . ? 1_555 ? 
6  AC2 7  8RO A 6  ? 8RO A 6   . ? 1_555 ? 
7  AC2 7  8RO A 7  ? 8RO A 7   . ? 1_555 ? 
8  AC2 7  DA  B 5  ? DA  B 17  . ? 1_555 ? 
9  AC2 7  8RO B 6  ? 8RO B 18  . ? 1_555 ? 
10 AC2 7  AG  G .  ? AG  B 101 . ? 1_555 ? 
11 AC2 7  AG  H .  ? AG  B 102 . ? 1_555 ? 
12 AC2 7  HOH J .  ? HOH B 208 . ? 1_555 ? 
13 AC3 5  8RO A 6  ? 8RO A 6   . ? 1_555 ? 
14 AC3 5  8RO A 7  ? 8RO A 7   . ? 1_555 ? 
15 AC3 5  8RO B 7  ? 8RO B 19  . ? 1_555 ? 
16 AC3 5  DT  B 8  ? DT  B 20  . ? 1_555 ? 
17 AC3 5  HOH J .  ? HOH B 206 . ? 1_555 ? 
18 AC4 6  8RO A 7  ? 8RO A 7   . ? 1_555 ? 
19 AC4 6  DT  A 8  ? DT  A 8   . ? 1_555 ? 
20 AC4 6  HOH I .  ? HOH A 204 . ? 1_555 ? 
21 AC4 6  HOH I .  ? HOH A 214 . ? 1_555 ? 
22 AC4 6  8RO B 6  ? 8RO B 18  . ? 1_555 ? 
23 AC4 6  8RO B 7  ? 8RO B 19  . ? 1_555 ? 
24 AC5 6  8RO A 7  ? 8RO A 7   . ? 1_555 ? 
25 AC5 6  AG  C .  ? AG  A 101 . ? 1_555 ? 
26 AC5 6  AG  D .  ? AG  A 102 . ? 1_555 ? 
27 AC5 6  DA  B 5  ? DA  B 17  . ? 1_555 ? 
28 AC5 6  8RO B 6  ? 8RO B 18  . ? 1_555 ? 
29 AC5 6  8RO B 7  ? 8RO B 19  . ? 1_555 ? 
30 AC6 6  DA  A 5  ? DA  A 5   . ? 1_555 ? 
31 AC6 6  8RO A 6  ? 8RO A 6   . ? 1_555 ? 
32 AC6 6  AG  C .  ? AG  A 101 . ? 1_555 ? 
33 AC6 6  AG  D .  ? AG  A 102 . ? 1_555 ? 
34 AC6 6  8RO B 6  ? 8RO B 18  . ? 1_555 ? 
35 AC6 6  8RO B 7  ? 8RO B 19  . ? 1_555 ? 
36 AC7 16 DC  A 1  ? DC  A 1   . ? 3_554 ? 
37 AC7 16 DA  A 5  ? DA  A 5   . ? 1_555 ? 
38 AC7 16 DT  A 8  ? DT  A 8   . ? 1_555 ? 
39 AC7 16 AG  C .  ? AG  A 101 . ? 1_555 ? 
40 AC7 16 AG  D .  ? AG  A 102 . ? 1_555 ? 
41 AC7 16 K   E .  ? K   A 103 . ? 1_555 ? 
42 AC7 16 K   F .  ? K   A 104 . ? 1_555 ? 
43 AC7 16 HOH I .  ? HOH A 203 . ? 1_555 ? 
44 AC7 16 HOH I .  ? HOH A 206 . ? 1_555 ? 
45 AC7 16 HOH I .  ? HOH A 208 . ? 1_555 ? 
46 AC7 16 HOH I .  ? HOH A 211 . ? 1_555 ? 
47 AC7 16 DA  B 5  ? DA  B 17  . ? 1_555 ? 
48 AC7 16 8RO B 7  ? 8RO B 19  . ? 1_555 ? 
49 AC7 16 DT  B 8  ? DT  B 20  . ? 1_555 ? 
50 AC7 16 AG  G .  ? AG  B 101 . ? 1_555 ? 
51 AC7 16 AG  H .  ? AG  B 102 . ? 1_555 ? 
52 AC8 13 8RO A 7  ? 8RO A 7   . ? 1_555 ? 
53 AC8 13 DT  A 8  ? DT  A 8   . ? 1_555 ? 
54 AC8 13 DC  A 9  ? DC  A 9   . ? 1_555 ? 
55 AC8 13 AG  D .  ? AG  A 102 . ? 1_555 ? 
56 AC8 13 K   F .  ? K   A 104 . ? 1_555 ? 
57 AC8 13 HOH I .  ? HOH A 201 . ? 1_555 ? 
58 AC8 13 DG  B 4  ? DG  B 16  . ? 1_555 ? 
59 AC8 13 8RO B 7  ? 8RO B 19  . ? 1_555 ? 
60 AC8 13 DG  B 12 ? DG  B 24  . ? 2_555 ? 
61 AC8 13 AG  G .  ? AG  B 101 . ? 1_555 ? 
62 AC8 13 AG  H .  ? AG  B 102 . ? 1_555 ? 
63 AC8 13 HOH J .  ? HOH B 202 . ? 1_555 ? 
64 AC8 13 HOH J .  ? HOH B 204 . ? 1_555 ? 
65 AC9 12 DA  A 5  ? DA  A 5   . ? 1_555 ? 
66 AC9 12 8RO A 7  ? 8RO A 7   . ? 1_555 ? 
67 AC9 12 DT  A 8  ? DT  A 8   . ? 1_555 ? 
68 AC9 12 AG  C .  ? AG  A 101 . ? 1_555 ? 
69 AC9 12 AG  D .  ? AG  A 102 . ? 1_555 ? 
70 AC9 12 K   E .  ? K   A 103 . ? 1_555 ? 
71 AC9 12 K   F .  ? K   A 104 . ? 1_555 ? 
72 AC9 12 DA  B 5  ? DA  B 17  . ? 1_555 ? 
73 AC9 12 DT  B 8  ? DT  B 20  . ? 1_555 ? 
74 AC9 12 AG  G .  ? AG  B 101 . ? 1_555 ? 
75 AC9 12 AG  H .  ? AG  B 102 . ? 1_555 ? 
76 AC9 12 HOH J .  ? HOH B 204 . ? 1_555 ? 
77 AD1 10 DA  A 5  ? DA  A 5   . ? 1_555 ? 
78 AD1 10 8RO A 6  ? 8RO A 6   . ? 1_555 ? 
79 AD1 10 8RO A 7  ? 8RO A 7   . ? 1_555 ? 
80 AD1 10 AG  C .  ? AG  A 101 . ? 1_555 ? 
81 AD1 10 K   E .  ? K   A 103 . ? 1_555 ? 
82 AD1 10 K   F .  ? K   A 104 . ? 1_555 ? 
83 AD1 10 8RO B 6  ? 8RO B 18  . ? 1_555 ? 
84 AD1 10 DC  B 9  ? DC  B 21  . ? 1_555 ? 
85 AD1 10 AG  G .  ? AG  B 101 . ? 1_555 ? 
86 AD1 10 AG  H .  ? AG  B 102 . ? 1_555 ? 
# 
_atom_sites.entry_id                    5XUV 
_atom_sites.fract_transf_matrix[1][1]   0.03875144 
_atom_sites.fract_transf_matrix[1][2]   -0.00766458 
_atom_sites.fract_transf_matrix[1][3]   -0.00355733 
_atom_sites.fract_transf_matrix[2][1]   -0.00525728 
_atom_sites.fract_transf_matrix[2][2]   -0.02231210 
_atom_sites.fract_transf_matrix[2][3]   -0.00919629 
_atom_sites.fract_transf_matrix[3][1]   -0.00013654 
_atom_sites.fract_transf_matrix[3][2]   0.00576345 
_atom_sites.fract_transf_matrix[3][3]   -0.01390528 
_atom_sites.fract_transf_vector[1]      0.100802 
_atom_sites.fract_transf_vector[2]      0.003951 
_atom_sites.fract_transf_vector[3]      -0.136904 
# 
loop_
_atom_type.symbol 
AG 
C  
K  
N  
O  
P  
S  
# 
loop_
_atom_site.group_PDB 
_atom_site.id 
_atom_site.type_symbol 
_atom_site.label_atom_id 
_atom_site.label_alt_id 
_atom_site.label_comp_id 
_atom_site.label_asym_id 
_atom_site.label_entity_id 
_atom_site.label_seq_id 
_atom_site.pdbx_PDB_ins_code 
_atom_site.Cartn_x 
_atom_site.Cartn_y 
_atom_site.Cartn_z 
_atom_site.occupancy 
_atom_site.B_iso_or_equiv 
_atom_site.pdbx_formal_charge 
_atom_site.auth_seq_id 
_atom_site.auth_comp_id 
_atom_site.auth_asym_id 
_atom_site.auth_atom_id 
_atom_site.pdbx_PDB_model_num 
ATOM   1   O  "O5'" . DC  A 1 1  ? 6.619   5.536   19.208  1.00 48.05 ? 1   DC  A "O5'" 1 
ATOM   2   C  "C5'" . DC  A 1 1  ? 6.552   5.488   17.782  1.00 47.21 ? 1   DC  A "C5'" 1 
ATOM   3   C  "C4'" . DC  A 1 1  ? 7.009   4.135   17.269  1.00 46.18 ? 1   DC  A "C4'" 1 
ATOM   4   O  "O4'" . DC  A 1 1  ? 6.142   3.086   17.785  1.00 43.47 ? 1   DC  A "O4'" 1 
ATOM   5   C  "C3'" . DC  A 1 1  ? 6.996   3.979   15.752  1.00 45.98 ? 1   DC  A "C3'" 1 
ATOM   6   O  "O3'" . DC  A 1 1  ? 8.141   3.263   15.356  1.00 52.89 ? 1   DC  A "O3'" 1 
ATOM   7   C  "C2'" . DC  A 1 1  ? 5.728   3.167   15.505  1.00 45.22 ? 1   DC  A "C2'" 1 
ATOM   8   C  "C1'" . DC  A 1 1  ? 5.735   2.257   16.721  1.00 40.79 ? 1   DC  A "C1'" 1 
ATOM   9   N  N1    . DC  A 1 1  ? 4.401   1.688   17.046  1.00 41.06 ? 1   DC  A N1    1 
ATOM   10  C  C2    . DC  A 1 1  ? 4.234   0.297   17.124  1.00 37.35 ? 1   DC  A C2    1 
ATOM   11  O  O2    . DC  A 1 1  ? 5.203   -0.437  16.923  1.00 38.75 ? 1   DC  A O2    1 
ATOM   12  N  N3    . DC  A 1 1  ? 3.009   -0.204  17.416  1.00 36.51 ? 1   DC  A N3    1 
ATOM   13  C  C4    . DC  A 1 1  ? 1.988   0.625   17.629  1.00 38.24 ? 1   DC  A C4    1 
ATOM   14  N  N4    . DC  A 1 1  ? 0.800   0.092   17.908  1.00 39.16 ? 1   DC  A N4    1 
ATOM   15  C  C5    . DC  A 1 1  ? 2.138   2.042   17.550  1.00 44.67 ? 1   DC  A C5    1 
ATOM   16  C  C6    . DC  A 1 1  ? 3.349   2.523   17.256  1.00 42.56 ? 1   DC  A C6    1 
ATOM   17  P  P     . DG  A 1 2  ? 8.711   3.401   13.861  1.00 57.12 ? 2   DG  A P     1 
ATOM   18  O  OP1   . DG  A 1 2  ? 9.708   4.494   13.901  1.00 64.98 ? 2   DG  A OP1   1 
ATOM   19  O  OP2   . DG  A 1 2  ? 7.575   3.473   12.915  1.00 50.30 ? 2   DG  A OP2   1 
ATOM   20  O  "O5'" . DG  A 1 2  ? 9.469   2.010   13.642  1.00 51.76 ? 2   DG  A "O5'" 1 
ATOM   21  C  "C5'" . DG  A 1 2  ? 9.633   1.117   14.748  1.00 50.25 ? 2   DG  A "C5'" 1 
ATOM   22  C  "C4'" . DG  A 1 2  ? 9.740   -0.318  14.266  1.00 49.37 ? 2   DG  A "C4'" 1 
ATOM   23  O  "O4'" . DG  A 1 2  ? 8.542   -1.051  14.643  1.00 45.52 ? 2   DG  A "O4'" 1 
ATOM   24  C  "C3'" . DG  A 1 2  ? 9.875   -0.461  12.754  1.00 45.80 ? 2   DG  A "C3'" 1 
ATOM   25  O  "O3'" . DG  A 1 2  ? 10.759  -1.510  12.421  1.00 46.60 ? 2   DG  A "O3'" 1 
ATOM   26  C  "C2'" . DG  A 1 2  ? 8.458   -0.771  12.298  1.00 43.53 ? 2   DG  A "C2'" 1 
ATOM   27  C  "C1'" . DG  A 1 2  ? 7.883   -1.532  13.490  1.00 43.14 ? 2   DG  A "C1'" 1 
ATOM   28  N  N9    . DG  A 1 2  ? 6.454   -1.299  13.641  1.00 41.59 ? 2   DG  A N9    1 
ATOM   29  C  C8    . DG  A 1 2  ? 5.817   -0.088  13.631  1.00 37.43 ? 2   DG  A C8    1 
ATOM   30  N  N7    . DG  A 1 2  ? 4.527   -0.182  13.774  1.00 36.01 ? 2   DG  A N7    1 
ATOM   31  C  C5    . DG  A 1 2  ? 4.291   -1.542  13.860  1.00 35.84 ? 2   DG  A C5    1 
ATOM   32  C  C6    . DG  A 1 2  ? 3.079   -2.240  14.023  1.00 37.59 ? 2   DG  A C6    1 
ATOM   33  O  O6    . DG  A 1 2  ? 1.939   -1.772  14.116  1.00 37.82 ? 2   DG  A O6    1 
ATOM   34  N  N1    . DG  A 1 2  ? 3.281   -3.619  14.077  1.00 36.02 ? 2   DG  A N1    1 
ATOM   35  C  C2    . DG  A 1 2  ? 4.509   -4.235  13.987  1.00 33.77 ? 2   DG  A C2    1 
ATOM   36  N  N2    . DG  A 1 2  ? 4.514   -5.576  14.053  1.00 32.99 ? 2   DG  A N2    1 
ATOM   37  N  N3    . DG  A 1 2  ? 5.651   -3.588  13.837  1.00 35.67 ? 2   DG  A N3    1 
ATOM   38  C  C4    . DG  A 1 2  ? 5.467   -2.247  13.786  1.00 39.25 ? 2   DG  A C4    1 
ATOM   39  P  P     . DC  A 1 3  ? 11.192  -1.706  10.887  1.00 53.32 ? 3   DC  A P     1 
ATOM   40  O  OP1   . DC  A 1 3  ? 12.605  -2.144  10.895  1.00 53.40 ? 3   DC  A OP1   1 
ATOM   41  O  OP2   . DC  A 1 3  ? 10.749  -0.516  10.136  1.00 47.15 ? 3   DC  A OP2   1 
ATOM   42  O  "O5'" . DC  A 1 3  ? 10.270  -2.897  10.370  1.00 42.68 ? 3   DC  A "O5'" 1 
ATOM   43  C  "C5'" . DC  A 1 3  ? 10.304  -4.136  11.029  1.00 41.60 ? 3   DC  A "C5'" 1 
ATOM   44  C  "C4'" . DC  A 1 3  ? 9.113   -4.963  10.624  1.00 40.28 ? 3   DC  A "C4'" 1 
ATOM   45  O  "O4'" . DC  A 1 3  ? 7.923   -4.359  11.145  1.00 36.89 ? 3   DC  A "O4'" 1 
ATOM   46  C  "C3'" . DC  A 1 3  ? 8.890   -5.033  9.123   1.00 41.10 ? 3   DC  A "C3'" 1 
ATOM   47  O  "O3'" . DC  A 1 3  ? 9.528   -6.186  8.601   1.00 42.36 ? 3   DC  A "O3'" 1 
ATOM   48  C  "C2'" . DC  A 1 3  ? 7.362   -5.115  8.975   1.00 41.01 ? 3   DC  A "C2'" 1 
ATOM   49  C  "C1'" . DC  A 1 3  ? 6.831   -4.804  10.384  1.00 37.25 ? 3   DC  A "C1'" 1 
ATOM   50  N  N1    . DC  A 1 3  ? 5.777   -3.737  10.408  1.00 36.07 ? 3   DC  A N1    1 
ATOM   51  C  C2    . DC  A 1 3  ? 4.439   -4.101  10.549  1.00 36.48 ? 3   DC  A C2    1 
ATOM   52  O  O2    . DC  A 1 3  ? 4.151   -5.302  10.635  1.00 36.28 ? 3   DC  A O2    1 
ATOM   53  N  N3    . DC  A 1 3  ? 3.495   -3.128  10.581  1.00 38.31 ? 3   DC  A N3    1 
ATOM   54  C  C4    . DC  A 1 3  ? 3.857   -1.847  10.486  1.00 34.92 ? 3   DC  A C4    1 
ATOM   55  N  N4    . DC  A 1 3  ? 2.898   -0.922  10.526  1.00 36.13 ? 3   DC  A N4    1 
ATOM   56  C  C5    . DC  A 1 3  ? 5.219   -1.459  10.356  1.00 40.62 ? 3   DC  A C5    1 
ATOM   57  C  C6    . DC  A 1 3  ? 6.137   -2.429  10.324  1.00 34.84 ? 3   DC  A C6    1 
ATOM   58  P  P     . DG  A 1 4  ? 9.581   -6.437  7.019   1.00 47.44 ? 4   DG  A P     1 
ATOM   59  O  OP1   . DG  A 1 4  ? 10.691  -7.368  6.745   1.00 47.65 ? 4   DG  A OP1   1 
ATOM   60  O  OP2   . DG  A 1 4  ? 9.480   -5.141  6.313   1.00 46.55 ? 4   DG  A OP2   1 
ATOM   61  O  "O5'" . DG  A 1 4  ? 8.210   -7.180  6.718   1.00 44.13 ? 4   DG  A "O5'" 1 
ATOM   62  C  "C5'" . DG  A 1 4  ? 7.993   -8.491  7.175   1.00 41.85 ? 4   DG  A "C5'" 1 
ATOM   63  C  "C4'" . DG  A 1 4  ? 6.645   -8.984  6.684   1.00 45.88 ? 4   DG  A "C4'" 1 
ATOM   64  O  "O4'" . DG  A 1 4  ? 5.609   -8.070  7.131   1.00 40.94 ? 4   DG  A "O4'" 1 
ATOM   65  C  "C3'" . DG  A 1 4  ? 6.507   -9.056  5.159   1.00 43.11 ? 4   DG  A "C3'" 1 
ATOM   66  O  "O3'" . DG  A 1 4  ? 5.690   -10.165 4.806   1.00 44.87 ? 4   DG  A "O3'" 1 
ATOM   67  C  "C2'" . DG  A 1 4  ? 5.840   -7.728  4.812   1.00 42.75 ? 4   DG  A "C2'" 1 
ATOM   68  C  "C1'" . DG  A 1 4  ? 4.936   -7.516  6.016   1.00 40.18 ? 4   DG  A "C1'" 1 
ATOM   69  N  N9    . DG  A 1 4  ? 4.659   -6.112  6.293   1.00 39.83 ? 4   DG  A N9    1 
ATOM   70  C  C8    . DG  A 1 4  ? 5.533   -5.060  6.198   1.00 35.16 ? 4   DG  A C8    1 
ATOM   71  N  N7    . DG  A 1 4  ? 4.995   -3.915  6.517   1.00 37.02 ? 4   DG  A N7    1 
ATOM   72  C  C5    . DG  A 1 4  ? 3.685   -4.232  6.845   1.00 35.72 ? 4   DG  A C5    1 
ATOM   73  C  C6    . DG  A 1 4  ? 2.617   -3.397  7.259   1.00 35.19 ? 4   DG  A C6    1 
ATOM   74  O  O6    . DG  A 1 4  ? 2.626   -2.174  7.427   1.00 31.16 ? 4   DG  A O6    1 
ATOM   75  N  N1    . DG  A 1 4  ? 1.450   -4.127  7.492   1.00 34.41 ? 4   DG  A N1    1 
ATOM   76  C  C2    . DG  A 1 4  ? 1.329   -5.485  7.324   1.00 33.04 ? 4   DG  A C2    1 
ATOM   77  N  N2    . DG  A 1 4  ? 0.131   -6.011  7.588   1.00 35.90 ? 4   DG  A N2    1 
ATOM   78  N  N3    . DG  A 1 4  ? 2.318   -6.276  6.936   1.00 37.84 ? 4   DG  A N3    1 
ATOM   79  C  C4    . DG  A 1 4  ? 3.462   -5.580  6.709   1.00 37.60 ? 4   DG  A C4    1 
ATOM   80  P  P     . DA  A 1 5  ? 5.248   -10.414 3.286   1.00 52.32 ? 5   DA  A P     1 
ATOM   81  O  OP1   . DA  A 1 5  ? 5.259   -11.881 3.091   1.00 51.23 ? 5   DA  A OP1   1 
ATOM   82  O  OP2   . DA  A 1 5  ? 6.042   -9.539  2.390   1.00 48.59 ? 5   DA  A OP2   1 
ATOM   83  O  "O5'" . DA  A 1 5  ? 3.718   -9.954  3.276   1.00 44.40 ? 5   DA  A "O5'" 1 
ATOM   84  C  "C5'" . DA  A 1 5  ? 2.810   -10.562 4.188   1.00 44.98 ? 5   DA  A "C5'" 1 
ATOM   85  C  "C4'" . DA  A 1 5  ? 1.433   -9.936  4.082   1.00 46.13 ? 5   DA  A "C4'" 1 
ATOM   86  O  "O4'" . DA  A 1 5  ? 1.486   -8.548  4.519   1.00 43.52 ? 5   DA  A "O4'" 1 
ATOM   87  C  "C3'" . DA  A 1 5  ? 0.838   -9.928  2.672   1.00 41.24 ? 5   DA  A "C3'" 1 
ATOM   88  O  "O3'" . DA  A 1 5  ? -0.530  -10.293 2.740   1.00 47.35 ? 5   DA  A "O3'" 1 
ATOM   89  C  "C2'" . DA  A 1 5  ? 1.022   -8.479  2.221   1.00 40.80 ? 5   DA  A "C2'" 1 
ATOM   90  C  "C1'" . DA  A 1 5  ? 0.905   -7.718  3.534   1.00 39.21 ? 5   DA  A "C1'" 1 
ATOM   91  N  N9    . DA  A 1 5  ? 1.610   -6.432  3.528   1.00 36.29 ? 5   DA  A N9    1 
ATOM   92  C  C8    . DA  A 1 5  ? 2.911   -6.210  3.195   1.00 34.26 ? 5   DA  A C8    1 
ATOM   93  N  N7    . DA  A 1 5  ? 3.272   -4.955  3.288   1.00 34.99 ? 5   DA  A N7    1 
ATOM   94  C  C5    . DA  A 1 5  ? 2.128   -4.306  3.711   1.00 35.40 ? 5   DA  A C5    1 
ATOM   95  C  C6    . DA  A 1 5  ? 1.847   -2.951  3.991   1.00 34.49 ? 5   DA  A C6    1 
ATOM   96  N  N6    . DA  A 1 5  ? 2.745   -1.969  3.878   1.00 37.01 ? 5   DA  A N6    1 
ATOM   97  N  N1    . DA  A 1 5  ? 0.604   -2.644  4.393   1.00 36.35 ? 5   DA  A N1    1 
ATOM   98  C  C2    . DA  A 1 5  ? -0.297  -3.622  4.513   1.00 37.14 ? 5   DA  A C2    1 
ATOM   99  N  N3    . DA  A 1 5  ? -0.157  -4.922  4.272   1.00 36.49 ? 5   DA  A N3    1 
ATOM   100 C  C4    . DA  A 1 5  ? 1.093   -5.200  3.863   1.00 37.00 ? 5   DA  A C4    1 
HETATM 101 P  P     . 8RO A 1 6  ? -1.426  -10.389 1.408   1.00 48.16 ? 6   8RO A P     1 
HETATM 102 O  OP1   . 8RO A 1 6  ? -2.410  -11.478 1.630   1.00 49.04 ? 6   8RO A OP1   1 
HETATM 103 O  OP2   . 8RO A 1 6  ? -0.538  -10.353 0.226   1.00 47.26 ? 6   8RO A OP2   1 
HETATM 104 O  "O5'" . 8RO A 1 6  ? -2.243  -9.027  1.418   1.00 44.41 ? 6   8RO A "O5'" 1 
HETATM 105 C  "C5'" . 8RO A 1 6  ? -3.041  -8.701  2.540   1.00 40.61 ? 6   8RO A "C5'" 1 
HETATM 106 C  "C4'" . 8RO A 1 6  ? -3.567  -7.306  2.335   1.00 38.54 ? 6   8RO A "C4'" 1 
HETATM 107 O  "O4'" . 8RO A 1 6  ? -2.464  -6.379  2.332   1.00 37.64 ? 6   8RO A "O4'" 1 
HETATM 108 C  "C3'" . 8RO A 1 6  ? -4.268  -7.129  0.991   1.00 41.29 ? 6   8RO A "C3'" 1 
HETATM 109 O  "O3'" . 8RO A 1 6  ? -5.649  -6.891  1.268   1.00 42.61 ? 6   8RO A "O3'" 1 
HETATM 110 C  "C2'" . 8RO A 1 6  ? -3.514  -5.970  0.281   1.00 36.55 ? 6   8RO A "C2'" 1 
HETATM 111 C  "C1'" . 8RO A 1 6  ? -2.662  -5.344  1.398   1.00 37.06 ? 6   8RO A "C1'" 1 
HETATM 112 N  N1    . 8RO A 1 6  ? -1.263  -4.811  1.037   1.00 33.58 ? 6   8RO A N1    1 
HETATM 113 C  C2    . 8RO A 1 6  ? -0.970  -3.491  1.282   1.00 34.63 ? 6   8RO A C2    1 
HETATM 114 O  O2    . 8RO A 1 6  ? -1.814  -2.762  1.751   1.00 35.39 ? 6   8RO A O2    1 
HETATM 115 N  N3    . 8RO A 1 6  ? 0.324   -3.064  0.942   1.00 35.91 ? 6   8RO A N3    1 
HETATM 116 C  C4    . 8RO A 1 6  ? 1.366   -3.825  0.367   1.00 38.37 ? 6   8RO A C4    1 
HETATM 117 S  S4    . 8RO A 1 6  ? 2.547   -3.356  0.087   1.00 34.58 ? 6   8RO A S4    1 
HETATM 118 C  C5    . 8RO A 1 6  ? 0.959   -5.225  0.143   1.00 34.22 ? 6   8RO A C5    1 
HETATM 119 C  C7    . 8RO A 1 6  ? 1.906   -6.224  -0.452  1.00 37.92 ? 6   8RO A C7    1 
HETATM 120 C  C6    . 8RO A 1 6  ? -0.300  -5.632  0.478   1.00 36.16 ? 6   8RO A C6    1 
HETATM 121 P  P     . 8RO A 1 7  ? -6.671  -6.575  0.061   1.00 41.08 ? 7   8RO A P     1 
HETATM 122 O  OP1   . 8RO A 1 7  ? -8.015  -7.052  0.473   1.00 45.57 ? 7   8RO A OP1   1 
HETATM 123 O  OP2   . 8RO A 1 7  ? -6.057  -7.009  -1.215  1.00 45.89 ? 7   8RO A OP2   1 
HETATM 124 O  "O5'" . 8RO A 1 7  ? -6.721  -4.985  0.033   1.00 42.00 ? 7   8RO A "O5'" 1 
HETATM 125 C  "C5'" . 8RO A 1 7  ? -6.835  -4.243  1.233   1.00 40.02 ? 7   8RO A "C5'" 1 
HETATM 126 C  "C4'" . 8RO A 1 7  ? -6.678  -2.778  0.903   1.00 39.00 ? 7   8RO A "C4'" 1 
HETATM 127 O  "O4'" . 8RO A 1 7  ? -5.309  -2.476  0.539   1.00 35.93 ? 7   8RO A "O4'" 1 
HETATM 128 C  "C3'" . 8RO A 1 7  ? -7.517  -2.325  -0.289  1.00 40.51 ? 7   8RO A "C3'" 1 
HETATM 129 O  "O3'" . 8RO A 1 7  ? -8.145  -1.129  0.148   1.00 38.50 ? 7   8RO A "O3'" 1 
HETATM 130 C  "C2'" . 8RO A 1 7  ? -6.500  -2.123  -1.439  1.00 37.76 ? 7   8RO A "C2'" 1 
HETATM 131 C  "C1'" . 8RO A 1 7  ? -5.227  -1.747  -0.681  1.00 37.40 ? 7   8RO A "C1'" 1 
HETATM 132 N  N1    . 8RO A 1 7  ? -3.874  -2.139  -1.300  1.00 34.61 ? 7   8RO A N1    1 
HETATM 133 C  C2    . 8RO A 1 7  ? -2.818  -1.263  -1.231  1.00 33.89 ? 7   8RO A C2    1 
HETATM 134 O  O2    . 8RO A 1 7  ? -2.944  -0.180  -0.705  1.00 33.73 ? 7   8RO A O2    1 
HETATM 135 N  N3    . 8RO A 1 7  ? -1.613  -1.709  -1.794  1.00 30.96 ? 7   8RO A N3    1 
HETATM 136 C  C4    . 8RO A 1 7  ? -1.327  -2.942  -2.406  1.00 36.94 ? 7   8RO A C4    1 
HETATM 137 S  S4    . 8RO A 1 7  ? -0.152  -3.262  -2.869  1.00 34.70 ? 7   8RO A S4    1 
HETATM 138 C  C5    . 8RO A 1 7  ? -2.516  -3.821  -2.429  1.00 36.48 ? 7   8RO A C5    1 
HETATM 139 C  C7    . 8RO A 1 7  ? -2.468  -5.196  -3.036  1.00 36.67 ? 7   8RO A C7    1 
HETATM 140 C  C6    . 8RO A 1 7  ? -3.688  -3.381  -1.885  1.00 37.28 ? 7   8RO A C6    1 
ATOM   141 P  P     . DT  A 1 8  ? -9.526  -0.642  -0.499  1.00 44.90 ? 8   DT  A P     1 
ATOM   142 O  OP1   . DT  A 1 8  ? -10.321 -0.064  0.607   1.00 51.48 ? 8   DT  A OP1   1 
ATOM   143 O  OP2   . DT  A 1 8  ? -10.088 -1.689  -1.384  1.00 44.08 ? 8   DT  A OP2   1 
ATOM   144 O  "O5'" . DT  A 1 8  ? -9.073  0.554   -1.423  1.00 44.19 ? 8   DT  A "O5'" 1 
ATOM   145 C  "C5'" . DT  A 1 8  ? -8.333  1.611   -0.872  1.00 45.17 ? 8   DT  A "C5'" 1 
ATOM   146 C  "C4'" . DT  A 1 8  ? -7.679  2.364   -1.990  1.00 43.59 ? 8   DT  A "C4'" 1 
ATOM   147 O  "O4'" . DT  A 1 8  ? -6.385  1.786   -2.231  1.00 40.85 ? 8   DT  A "O4'" 1 
ATOM   148 C  "C3'" . DT  A 1 8  ? -8.432  2.227   -3.306  1.00 48.31 ? 8   DT  A "C3'" 1 
ATOM   149 O  "O3'" . DT  A 1 8  ? -9.325  3.382   -3.523  1.00 58.93 ? 8   DT  A "O3'" 1 
ATOM   150 C  "C2'" . DT  A 1 8  ? -7.342  2.040   -4.373  1.00 46.83 ? 8   DT  A "C2'" 1 
ATOM   151 C  "C1'" . DT  A 1 8  ? -6.039  2.032   -3.559  1.00 41.52 ? 8   DT  A "C1'" 1 
ATOM   152 N  N1    . DT  A 1 8  ? -5.016  1.012   -4.002  1.00 40.40 ? 8   DT  A N1    1 
ATOM   153 C  C2    . DT  A 1 8  ? -3.682  1.325   -3.871  1.00 37.42 ? 8   DT  A C2    1 
ATOM   154 O  O2    . DT  A 1 8  ? -3.296  2.377   -3.401  1.00 37.71 ? 8   DT  A O2    1 
ATOM   155 N  N3    . DT  A 1 8  ? -2.813  0.353   -4.302  1.00 33.20 ? 8   DT  A N3    1 
ATOM   156 C  C4    . DT  A 1 8  ? -3.142  -0.864  -4.858  1.00 32.44 ? 8   DT  A C4    1 
ATOM   157 O  O4    . DT  A 1 8  ? -2.300  -1.666  -5.223  1.00 35.53 ? 8   DT  A O4    1 
ATOM   158 C  C5    . DT  A 1 8  ? -4.552  -1.137  -4.969  1.00 36.03 ? 8   DT  A C5    1 
ATOM   159 C  C7    . DT  A 1 8  ? -5.011  -2.442  -5.552  1.00 37.36 ? 8   DT  A C7    1 
ATOM   160 C  C6    . DT  A 1 8  ? -5.420  -0.195  -4.543  1.00 36.31 ? 8   DT  A C6    1 
ATOM   161 P  P     . DC  A 1 9  ? -8.906  4.680   -4.381  1.00 53.32 ? 9   DC  A P     1 
ATOM   162 O  OP1   . DC  A 1 9  ? -9.739  5.804   -3.915  1.00 62.37 ? 9   DC  A OP1   1 
ATOM   163 O  OP2   . DC  A 1 9  ? -8.922  4.353   -5.829  1.00 57.51 ? 9   DC  A OP2   1 
ATOM   164 O  "O5'" . DC  A 1 9  ? -7.445  5.037   -3.871  1.00 53.47 ? 9   DC  A "O5'" 1 
ATOM   165 C  "C5'" . DC  A 1 9  ? -7.201  6.309   -3.297  1.00 48.97 ? 9   DC  A "C5'" 1 
ATOM   166 C  "C4'" . DC  A 1 9  ? -5.836  6.832   -3.706  1.00 46.31 ? 9   DC  A "C4'" 1 
ATOM   167 O  "O4'" . DC  A 1 9  ? -4.983  5.737   -4.121  1.00 45.06 ? 9   DC  A "O4'" 1 
ATOM   168 C  "C3'" . DC  A 1 9  ? -5.836  7.824   -4.861  1.00 45.05 ? 9   DC  A "C3'" 1 
ATOM   169 O  "O3'" . DC  A 1 9  ? -4.976  8.881   -4.533  1.00 46.01 ? 9   DC  A "O3'" 1 
ATOM   170 C  "C2'" . DC  A 1 9  ? -5.307  7.001   -6.049  1.00 41.96 ? 9   DC  A "C2'" 1 
ATOM   171 C  "C1'" . DC  A 1 9  ? -4.367  6.036   -5.354  1.00 41.12 ? 9   DC  A "C1'" 1 
ATOM   172 N  N1    . DC  A 1 9  ? -4.171  4.740   -6.060  1.00 37.51 ? 9   DC  A N1    1 
ATOM   173 C  C2    . DC  A 1 9  ? -2.892  4.352   -6.481  1.00 34.79 ? 9   DC  A C2    1 
ATOM   174 O  O2    . DC  A 1 9  ? -1.936  5.111   -6.289  1.00 37.03 ? 9   DC  A O2    1 
ATOM   175 N  N3    . DC  A 1 9  ? -2.741  3.151   -7.083  1.00 31.93 ? 9   DC  A N3    1 
ATOM   176 C  C4    . DC  A 1 9  ? -3.795  2.360   -7.265  1.00 33.41 ? 9   DC  A C4    1 
ATOM   177 N  N4    . DC  A 1 9  ? -3.600  1.182   -7.853  1.00 34.99 ? 9   DC  A N4    1 
ATOM   178 C  C5    . DC  A 1 9  ? -5.095  2.738   -6.846  1.00 38.04 ? 9   DC  A C5    1 
ATOM   179 C  C6    . DC  A 1 9  ? -5.234  3.921   -6.249  1.00 38.65 ? 9   DC  A C6    1 
ATOM   180 P  P     . DG  A 1 10 ? -5.280  10.364  -5.053  1.00 53.29 ? 10  DG  A P     1 
ATOM   181 O  OP1   . DG  A 1 10 ? -4.772  11.259  -3.986  1.00 53.17 ? 10  DG  A OP1   1 
ATOM   182 O  OP2   . DG  A 1 10 ? -6.678  10.417  -5.547  1.00 46.03 ? 10  DG  A OP2   1 
ATOM   183 O  "O5'" . DG  A 1 10 ? -4.337  10.511  -6.331  1.00 47.62 ? 10  DG  A "O5'" 1 
ATOM   184 C  "C5'" . DG  A 1 10 ? -2.970  10.133  -6.241  1.00 47.36 ? 10  DG  A "C5'" 1 
ATOM   185 C  "C4'" . DG  A 1 10 ? -2.383  9.922   -7.622  1.00 45.49 ? 10  DG  A "C4'" 1 
ATOM   186 O  "O4'" . DG  A 1 10 ? -2.520  8.527   -8.009  1.00 42.91 ? 10  DG  A "O4'" 1 
ATOM   187 C  "C3'" . DG  A 1 10 ? -3.066  10.710  -8.743  1.00 43.03 ? 10  DG  A "C3'" 1 
ATOM   188 O  "O3'" . DG  A 1 10 ? -2.109  11.007  -9.726  1.00 44.84 ? 10  DG  A "O3'" 1 
ATOM   189 C  "C2'" . DG  A 1 10 ? -4.047  9.683   -9.287  1.00 44.83 ? 10  DG  A "C2'" 1 
ATOM   190 C  "C1'" . DG  A 1 10 ? -3.119  8.493   -9.283  1.00 38.96 ? 10  DG  A "C1'" 1 
ATOM   191 N  N9    . DG  A 1 10 ? -3.748  7.198   -9.503  1.00 37.93 ? 10  DG  A N9    1 
ATOM   192 C  C8    . DG  A 1 10 ? -5.070  6.861   -9.353  1.00 36.66 ? 10  DG  A C8    1 
ATOM   193 N  N7    . DG  A 1 10 ? -5.318  5.610   -9.645  1.00 35.14 ? 10  DG  A N7    1 
ATOM   194 C  C5    . DG  A 1 10 ? -4.075  5.094   -10.000 1.00 36.70 ? 10  DG  A C5    1 
ATOM   195 C  C6    . DG  A 1 10 ? -3.701  3.789   -10.399 1.00 34.74 ? 10  DG  A C6    1 
ATOM   196 O  O6    . DG  A 1 10 ? -4.417  2.789   -10.519 1.00 34.50 ? 10  DG  A O6    1 
ATOM   197 N  N1    . DG  A 1 10 ? -2.338  3.704   -10.671 1.00 32.32 ? 10  DG  A N1    1 
ATOM   198 C  C2    . DG  A 1 10 ? -1.451  4.744   -10.556 1.00 34.39 ? 10  DG  A C2    1 
ATOM   199 N  N2    . DG  A 1 10 ? -0.175  4.477   -10.856 1.00 34.18 ? 10  DG  A N2    1 
ATOM   200 N  N3    . DG  A 1 10 ? -1.788  5.959   -10.168 1.00 35.84 ? 10  DG  A N3    1 
ATOM   201 C  C4    . DG  A 1 10 ? -3.108  6.063   -9.920  1.00 34.36 ? 10  DG  A C4    1 
ATOM   202 P  P     . DC  A 1 11 ? -1.341  12.412  -9.732  1.00 51.06 ? 11  DC  A P     1 
ATOM   203 O  OP1   . DC  A 1 11 ? -1.147  12.860  -8.333  1.00 46.12 ? 11  DC  A OP1   1 
ATOM   204 O  OP2   . DC  A 1 11 ? -2.023  13.263  -10.729 1.00 41.43 ? 11  DC  A OP2   1 
ATOM   205 O  "O5'" . DC  A 1 11 ? 0.089   12.045  -10.324 1.00 45.54 ? 11  DC  A "O5'" 1 
ATOM   206 C  "C5'" . DC  A 1 11 ? 0.955   11.196  -9.598  1.00 40.12 ? 11  DC  A "C5'" 1 
ATOM   207 C  "C4'" . DC  A 1 11 ? 1.956   10.531  -10.524 1.00 40.58 ? 11  DC  A "C4'" 1 
ATOM   208 O  "O4'" . DC  A 1 11 ? 1.422   9.283   -11.025 1.00 41.12 ? 11  DC  A "O4'" 1 
ATOM   209 C  "C3'" . DC  A 1 11 ? 2.346   11.333  -11.754 1.00 41.46 ? 11  DC  A "C3'" 1 
ATOM   210 O  "O3'" . DC  A 1 11 ? 3.700   11.061  -12.049 1.00 45.19 ? 11  DC  A "O3'" 1 
ATOM   211 C  "C2'" . DC  A 1 11 ? 1.398   10.793  -12.843 1.00 38.42 ? 11  DC  A "C2'" 1 
ATOM   212 C  "C1'" . DC  A 1 11 ? 1.271   9.325   -12.438 1.00 39.52 ? 11  DC  A "C1'" 1 
ATOM   213 N  N1    . DC  A 1 11 ? -0.049  8.696   -12.729 1.00 36.15 ? 11  DC  A N1    1 
ATOM   214 C  C2    . DC  A 1 11 ? -0.099  7.353   -13.118 1.00 36.53 ? 11  DC  A C2    1 
ATOM   215 O  O2    . DC  A 1 11 ? 0.954   6.731   -13.272 1.00 37.79 ? 11  DC  A O2    1 
ATOM   216 N  N3    . DC  A 1 11 ? -1.302  6.773   -13.327 1.00 39.18 ? 11  DC  A N3    1 
ATOM   217 C  C4    . DC  A 1 11 ? -2.422  7.469   -13.137 1.00 39.90 ? 11  DC  A C4    1 
ATOM   218 N  N4    . DC  A 1 11 ? -3.583  6.845   -13.340 1.00 35.31 ? 11  DC  A N4    1 
ATOM   219 C  C5    . DC  A 1 11 ? -2.396  8.836   -12.732 1.00 41.72 ? 11  DC  A C5    1 
ATOM   220 C  C6    . DC  A 1 11 ? -1.198  9.401   -12.528 1.00 38.65 ? 11  DC  A C6    1 
ATOM   221 P  P     . DG  A 1 12 ? 4.546   12.076  -12.957 1.00 49.88 ? 12  DG  A P     1 
ATOM   222 O  OP1   . DG  A 1 12 ? 5.932   12.033  -12.434 1.00 50.65 ? 12  DG  A OP1   1 
ATOM   223 O  OP2   . DG  A 1 12 ? 3.795   13.345  -13.052 1.00 49.63 ? 12  DG  A OP2   1 
ATOM   224 O  "O5'" . DG  A 1 12 ? 4.500   11.406  -14.406 1.00 42.81 ? 12  DG  A "O5'" 1 
ATOM   225 C  "C5'" . DG  A 1 12 ? 4.964   10.074  -14.588 1.00 40.94 ? 12  DG  A "C5'" 1 
ATOM   226 C  "C4'" . DG  A 1 12 ? 4.419   9.504   -15.881 1.00 41.87 ? 12  DG  A "C4'" 1 
ATOM   227 O  "O4'" . DG  A 1 12 ? 3.066   9.071   -15.681 1.00 38.60 ? 12  DG  A "O4'" 1 
ATOM   228 C  "C3'" . DG  A 1 12 ? 4.355   10.509  -17.023 1.00 38.02 ? 12  DG  A "C3'" 1 
ATOM   229 O  "O3'" . DG  A 1 12 ? 5.481   10.342  -17.851 1.00 43.92 ? 12  DG  A "O3'" 1 
ATOM   230 C  "C2'" . DG  A 1 12 ? 3.043   10.179  -17.768 1.00 41.63 ? 12  DG  A "C2'" 1 
ATOM   231 C  "C1'" . DG  A 1 12 ? 2.406   9.071   -16.923 1.00 40.63 ? 12  DG  A "C1'" 1 
ATOM   232 N  N9    . DG  A 1 12 ? 0.983   9.257   -16.668 1.00 38.10 ? 12  DG  A N9    1 
ATOM   233 C  C8    . DG  A 1 12 ? 0.344   10.422  -16.306 1.00 38.27 ? 12  DG  A C8    1 
ATOM   234 N  N7    . DG  A 1 12 ? -0.943  10.271  -16.126 1.00 41.82 ? 12  DG  A N7    1 
ATOM   235 C  C5    . DG  A 1 12 ? -1.164  8.918   -16.375 1.00 41.98 ? 12  DG  A C5    1 
ATOM   236 C  C6    . DG  A 1 12 ? -2.362  8.161   -16.335 1.00 40.55 ? 12  DG  A C6    1 
ATOM   237 O  O6    . DG  A 1 12 ? -3.503  8.549   -16.060 1.00 44.69 ? 12  DG  A O6    1 
ATOM   238 N  N1    . DG  A 1 12 ? -2.142  6.825   -16.656 1.00 34.09 ? 12  DG  A N1    1 
ATOM   239 C  C2    . DG  A 1 12 ? -0.924  6.285   -16.966 1.00 37.37 ? 12  DG  A C2    1 
ATOM   240 N  N2    . DG  A 1 12 ? -0.912  4.974   -17.255 1.00 35.12 ? 12  DG  A N2    1 
ATOM   241 N  N3    . DG  A 1 12 ? 0.207   6.981   -17.012 1.00 39.74 ? 12  DG  A N3    1 
ATOM   242 C  C4    . DG  A 1 12 ? 0.011   8.284   -16.706 1.00 37.72 ? 12  DG  A C4    1 
ATOM   243 O  "O5'" . DC  B 1 1  ? -7.876  0.444   -21.224 1.00 61.81 ? 13  DC  B "O5'" 1 
ATOM   244 C  "C5'" . DC  B 1 1  ? -7.721  0.380   -19.808 1.00 55.89 ? 13  DC  B "C5'" 1 
ATOM   245 C  "C4'" . DC  B 1 1  ? -6.255  0.263   -19.438 1.00 55.56 ? 13  DC  B "C4'" 1 
ATOM   246 O  "O4'" . DC  B 1 1  ? -5.686  1.592   -19.241 1.00 53.57 ? 13  DC  B "O4'" 1 
ATOM   247 C  "C3'" . DC  B 1 1  ? -5.975  -0.491  -18.146 1.00 50.85 ? 13  DC  B "C3'" 1 
ATOM   248 O  "O3'" . DC  B 1 1  ? -4.726  -1.123  -18.251 1.00 54.88 ? 13  DC  B "O3'" 1 
ATOM   249 C  "C2'" . DC  B 1 1  ? -5.923  0.637   -17.126 1.00 50.25 ? 13  DC  B "C2'" 1 
ATOM   250 C  "C1'" . DC  B 1 1  ? -5.174  1.687   -17.927 1.00 48.30 ? 13  DC  B "C1'" 1 
ATOM   251 N  N1    . DC  B 1 1  ? -5.377  3.080   -17.443 1.00 49.06 ? 13  DC  B N1    1 
ATOM   252 C  C2    . DC  B 1 1  ? -4.268  3.897   -17.217 1.00 43.47 ? 13  DC  B C2    1 
ATOM   253 O  O2    . DC  B 1 1  ? -3.136  3.443   -17.413 1.00 42.50 ? 13  DC  B O2    1 
ATOM   254 N  N3    . DC  B 1 1  ? -4.462  5.165   -16.787 1.00 41.97 ? 13  DC  B N3    1 
ATOM   255 C  C4    . DC  B 1 1  ? -5.701  5.614   -16.576 1.00 45.82 ? 13  DC  B C4    1 
ATOM   256 N  N4    . DC  B 1 1  ? -5.847  6.873   -16.150 1.00 47.36 ? 13  DC  B N4    1 
ATOM   257 C  C5    . DC  B 1 1  ? -6.846  4.794   -16.802 1.00 47.14 ? 13  DC  B C5    1 
ATOM   258 C  C6    . DC  B 1 1  ? -6.639  3.547   -17.231 1.00 48.06 ? 13  DC  B C6    1 
ATOM   259 P  P     . DG  B 1 2  ? -4.590  -2.712  -18.063 1.00 60.23 ? 14  DG  B P     1 
ATOM   260 O  OP1   . DG  B 1 2  ? -4.923  -3.311  -19.376 1.00 61.49 ? 14  DG  B OP1   1 
ATOM   261 O  OP2   . DG  B 1 2  ? -5.286  -3.119  -16.815 1.00 54.19 ? 14  DG  B OP2   1 
ATOM   262 O  "O5'" . DG  B 1 2  ? -3.025  -2.905  -17.849 1.00 52.05 ? 14  DG  B "O5'" 1 
ATOM   263 C  "C5'" . DG  B 1 2  ? -2.132  -2.286  -18.754 1.00 49.04 ? 14  DG  B "C5'" 1 
ATOM   264 C  "C4'" . DG  B 1 2  ? -0.861  -1.868  -18.048 1.00 46.31 ? 14  DG  B "C4'" 1 
ATOM   265 O  "O4'" . DG  B 1 2  ? -1.013  -0.558  -17.440 1.00 39.36 ? 14  DG  B "O4'" 1 
ATOM   266 C  "C3'" . DG  B 1 2  ? -0.402  -2.794  -16.940 1.00 40.86 ? 14  DG  B "C3'" 1 
ATOM   267 O  "O3'" . DG  B 1 2  ? 0.984   -2.833  -16.986 1.00 42.76 ? 14  DG  B "O3'" 1 
ATOM   268 C  "C2'" . DG  B 1 2  ? -0.908  -2.090  -15.675 1.00 41.89 ? 14  DG  B "C2'" 1 
ATOM   269 C  "C1'" . DG  B 1 2  ? -0.730  -0.627  -16.059 1.00 39.06 ? 14  DG  B "C1'" 1 
ATOM   270 N  N9    . DG  B 1 2  ? -1.637  0.298   -15.379 1.00 36.29 ? 14  DG  B N9    1 
ATOM   271 C  C8    . DG  B 1 2  ? -2.957  0.088   -15.073 1.00 41.31 ? 14  DG  B C8    1 
ATOM   272 N  N7    . DG  B 1 2  ? -3.531  1.118   -14.506 1.00 39.88 ? 14  DG  B N7    1 
ATOM   273 C  C5    . DG  B 1 2  ? -2.535  2.077   -14.447 1.00 36.16 ? 14  DG  B C5    1 
ATOM   274 C  C6    . DG  B 1 2  ? -2.570  3.395   -13.932 1.00 36.92 ? 14  DG  B C6    1 
ATOM   275 O  O6    . DG  B 1 2  ? -3.524  3.997   -13.416 1.00 35.51 ? 14  DG  B O6    1 
ATOM   276 N  N1    . DG  B 1 2  ? -1.343  4.033   -14.075 1.00 34.92 ? 14  DG  B N1    1 
ATOM   277 C  C2    . DG  B 1 2  ? -0.224  3.467   -14.635 1.00 34.44 ? 14  DG  B C2    1 
ATOM   278 N  N2    . DG  B 1 2  ? 0.880   4.231   -14.661 1.00 32.79 ? 14  DG  B N2    1 
ATOM   279 N  N3    . DG  B 1 2  ? -0.181  2.235   -15.122 1.00 31.08 ? 14  DG  B N3    1 
ATOM   280 C  C4    . DG  B 1 2  ? -1.363  1.596   -14.986 1.00 34.45 ? 14  DG  B C4    1 
ATOM   281 P  P     . DC  B 1 3  ? 1.810   -3.939  -16.185 1.00 45.02 ? 15  DC  B P     1 
ATOM   282 O  OP1   . DC  B 1 3  ? 2.816   -4.428  -17.165 1.00 48.35 ? 15  DC  B OP1   1 
ATOM   283 O  OP2   . DC  B 1 3  ? 0.872   -4.845  -15.489 1.00 46.58 ? 15  DC  B OP2   1 
ATOM   284 O  "O5'" . DC  B 1 3  ? 2.562   -3.070  -15.083 1.00 42.41 ? 15  DC  B "O5'" 1 
ATOM   285 C  "C5'" . DC  B 1 3  ? 3.204   -1.879  -15.485 1.00 38.60 ? 15  DC  B "C5'" 1 
ATOM   286 C  "C4'" . DC  B 1 3  ? 3.351   -0.924  -14.322 1.00 34.43 ? 15  DC  B "C4'" 1 
ATOM   287 O  "O4'" . DC  B 1 3  ? 2.092   -0.329  -14.028 1.00 35.50 ? 15  DC  B "O4'" 1 
ATOM   288 C  "C3'" . DC  B 1 3  ? 3.817   -1.568  -13.028 1.00 35.76 ? 15  DC  B "C3'" 1 
ATOM   289 O  "O3'" . DC  B 1 3  ? 5.183   -1.304  -12.873 1.00 44.04 ? 15  DC  B "O3'" 1 
ATOM   290 C  "C2'" . DC  B 1 3  ? 2.976   -0.892  -11.931 1.00 38.49 ? 15  DC  B "C2'" 1 
ATOM   291 C  "C1'" . DC  B 1 3  ? 2.091   0.091   -12.687 1.00 34.85 ? 15  DC  B "C1'" 1 
ATOM   292 N  N1    . DC  B 1 3  ? 0.671   0.109   -12.232 1.00 36.29 ? 15  DC  B N1    1 
ATOM   293 C  C2    . DC  B 1 3  ? 0.103   1.298   -11.740 1.00 34.59 ? 15  DC  B C2    1 
ATOM   294 O  O2    . DC  B 1 3  ? 0.798   2.313   -11.656 1.00 32.62 ? 15  DC  B O2    1 
ATOM   295 N  N3    . DC  B 1 3  ? -1.195  1.293   -11.351 1.00 32.00 ? 15  DC  B N3    1 
ATOM   296 C  C4    . DC  B 1 3  ? -1.918  0.181   -11.461 1.00 34.55 ? 15  DC  B C4    1 
ATOM   297 N  N4    . DC  B 1 3  ? -3.195  0.226   -11.074 1.00 34.88 ? 15  DC  B N4    1 
ATOM   298 C  C5    . DC  B 1 3  ? -1.361  -1.032  -11.967 1.00 38.02 ? 15  DC  B C5    1 
ATOM   299 C  C6    . DC  B 1 3  ? -0.078  -1.022  -12.335 1.00 35.53 ? 15  DC  B C6    1 
ATOM   300 P  P     . DG  B 1 4  ? 5.983   -1.853  -11.599 1.00 40.66 ? 16  DG  B P     1 
ATOM   301 O  OP1   . DG  B 1 4  ? 7.327   -2.222  -12.100 1.00 49.85 ? 16  DG  B OP1   1 
ATOM   302 O  OP2   . DG  B 1 4  ? 5.161   -2.834  -10.857 1.00 42.71 ? 16  DG  B OP2   1 
ATOM   303 O  "O5'" . DG  B 1 4  ? 6.157   -0.558  -10.702 1.00 37.24 ? 16  DG  B "O5'" 1 
ATOM   304 C  "C5'" . DG  B 1 4  ? 6.866   0.541   -11.200 1.00 34.73 ? 16  DG  B "C5'" 1 
ATOM   305 C  "C4'" . DG  B 1 4  ? 6.652   1.755   -10.323 1.00 37.82 ? 16  DG  B "C4'" 1 
ATOM   306 O  "O4'" . DG  B 1 4  ? 5.227   2.008   -10.177 1.00 36.39 ? 16  DG  B "O4'" 1 
ATOM   307 C  "C3'" . DG  B 1 4  ? 7.208   1.645   -8.904  1.00 36.81 ? 16  DG  B "C3'" 1 
ATOM   308 O  "O3'" . DG  B 1 4  ? 7.699   2.911   -8.511  1.00 38.95 ? 16  DG  B "O3'" 1 
ATOM   309 C  "C2'" . DG  B 1 4  ? 5.988   1.227   -8.092  1.00 36.33 ? 16  DG  B "C2'" 1 
ATOM   310 C  "C1'" . DG  B 1 4  ? 4.861   1.960   -8.812  1.00 36.92 ? 16  DG  B "C1'" 1 
ATOM   311 N  N9    . DG  B 1 4  ? 3.573   1.280   -8.704  1.00 33.38 ? 16  DG  B N9    1 
ATOM   312 C  C8    . DG  B 1 4  ? 3.331   -0.065  -8.870  1.00 34.49 ? 16  DG  B C8    1 
ATOM   313 N  N7    . DG  B 1 4  ? 2.079   -0.389  -8.715  1.00 33.16 ? 16  DG  B N7    1 
ATOM   314 C  C5    . DG  B 1 4  ? 1.453   0.819   -8.421  1.00 33.01 ? 16  DG  B C5    1 
ATOM   315 C  C6    . DG  B 1 4  ? 0.098   1.098   -8.144  1.00 31.32 ? 16  DG  B C6    1 
ATOM   316 O  O6    . DG  B 1 4  ? -0.848  0.312   -8.122  1.00 33.26 ? 16  DG  B O6    1 
ATOM   317 N  N1    . DG  B 1 4  ? -0.114  2.451   -7.885  1.00 33.46 ? 16  DG  B N1    1 
ATOM   318 C  C2    . DG  B 1 4  ? 0.867   3.415   -7.900  1.00 33.78 ? 16  DG  B C2    1 
ATOM   319 N  N2    . DG  B 1 4  ? 0.475   4.672   -7.642  1.00 33.02 ? 16  DG  B N2    1 
ATOM   320 N  N3    . DG  B 1 4  ? 2.140   3.164   -8.156  1.00 34.77 ? 16  DG  B N3    1 
ATOM   321 C  C4    . DG  B 1 4  ? 2.359   1.851   -8.409  1.00 34.05 ? 16  DG  B C4    1 
ATOM   322 P  P     . DA  B 1 5  ? 8.064   3.237   -6.987  1.00 40.92 ? 17  DA  B P     1 
ATOM   323 O  OP1   . DA  B 1 5  ? 9.155   4.231   -7.004  1.00 40.48 ? 17  DA  B OP1   1 
ATOM   324 O  OP2   . DA  B 1 5  ? 8.272   1.975   -6.244  1.00 41.87 ? 17  DA  B OP2   1 
ATOM   325 O  "O5'" . DA  B 1 5  ? 6.767   3.993   -6.461  1.00 42.82 ? 17  DA  B "O5'" 1 
ATOM   326 C  "C5'" . DA  B 1 5  ? 6.328   5.170   -7.122  1.00 39.65 ? 17  DA  B "C5'" 1 
ATOM   327 C  "C4'" . DA  B 1 5  ? 5.266   5.886   -6.311  1.00 41.09 ? 17  DA  B "C4'" 1 
ATOM   328 O  "O4'" . DA  B 1 5  ? 4.051   5.096   -6.284  1.00 39.55 ? 17  DA  B "O4'" 1 
ATOM   329 C  "C3'" . DA  B 1 5  ? 5.616   6.148   -4.853  1.00 40.26 ? 17  DA  B "C3'" 1 
ATOM   330 O  "O3'" . DA  B 1 5  ? 5.012   7.361   -4.454  1.00 42.28 ? 17  DA  B "O3'" 1 
ATOM   331 C  "C2'" . DA  B 1 5  ? 5.004   4.943   -4.137  1.00 38.65 ? 17  DA  B "C2'" 1 
ATOM   332 C  "C1'" . DA  B 1 5  ? 3.742   4.711   -4.959  1.00 37.71 ? 17  DA  B "C1'" 1 
ATOM   333 N  N9    . DA  B 1 5  ? 3.303   3.318   -5.000  1.00 35.13 ? 17  DA  B N9    1 
ATOM   334 C  C8    . DA  B 1 5  ? 4.069   2.224   -5.284  1.00 32.86 ? 17  DA  B C8    1 
ATOM   335 N  N7    . DA  B 1 5  ? 3.395   1.101   -5.295  1.00 35.64 ? 17  DA  B N7    1 
ATOM   336 C  C5    . DA  B 1 5  ? 2.095   1.483   -4.993  1.00 33.59 ? 17  DA  B C5    1 
ATOM   337 C  C6    . DA  B 1 5  ? 0.894   0.751   -4.834  1.00 34.89 ? 17  DA  B C6    1 
ATOM   338 N  N6    . DA  B 1 5  ? 0.815   -0.575  -4.963  1.00 31.48 ? 17  DA  B N6    1 
ATOM   339 N  N1    . DA  B 1 5  ? -0.228  1.446   -4.544  1.00 33.89 ? 17  DA  B N1    1 
ATOM   340 C  C2    . DA  B 1 5  ? -0.143  2.774   -4.405  1.00 34.82 ? 17  DA  B C2    1 
ATOM   341 N  N3    . DA  B 1 5  ? 0.926   3.565   -4.524  1.00 34.23 ? 17  DA  B N3    1 
ATOM   342 C  C4    . DA  B 1 5  ? 2.020   2.850   -4.822  1.00 33.26 ? 17  DA  B C4    1 
HETATM 343 P  P     . 8RO B 1 6  ? 5.240   7.953   -2.981  1.00 49.20 ? 18  8RO B P     1 
HETATM 344 O  OP1   . 8RO B 1 6  ? 5.227   9.431   -3.143  1.00 47.64 ? 18  8RO B OP1   1 
HETATM 345 O  OP2   . 8RO B 1 6  ? 6.348   7.229   -2.314  1.00 48.95 ? 18  8RO B OP2   1 
HETATM 346 O  "O5'" . 8RO B 1 6  ? 3.908   7.553   -2.202  1.00 45.84 ? 18  8RO B "O5'" 1 
HETATM 347 C  "C5'" . 8RO B 1 6  ? 2.652   7.935   -2.732  1.00 40.12 ? 18  8RO B "C5'" 1 
HETATM 348 C  "C4'" . 8RO B 1 6  ? 1.545   7.213   -1.995  1.00 40.81 ? 18  8RO B "C4'" 1 
HETATM 349 O  "O4'" . 8RO B 1 6  ? 1.627   5.795   -2.234  1.00 36.83 ? 18  8RO B "O4'" 1 
HETATM 350 C  "C3'" . 8RO B 1 6  ? 1.568   7.370   -0.475  1.00 38.49 ? 18  8RO B "C3'" 1 
HETATM 351 O  "O3'" . 8RO B 1 6  ? 0.379   8.090   -0.171  1.00 44.63 ? 18  8RO B "O3'" 1 
HETATM 352 C  "C2'" . 8RO B 1 6  ? 1.606   5.923   0.079   1.00 38.90 ? 18  8RO B "C2'" 1 
HETATM 353 C  "C1'" . 8RO B 1 6  ? 1.176   5.074   -1.120  1.00 37.20 ? 18  8RO B "C1'" 1 
HETATM 354 N  N1    . 8RO B 1 6  ? 1.773   3.673   -1.293  1.00 33.13 ? 18  8RO B N1    1 
HETATM 355 C  C2    . 8RO B 1 6  ? 0.927   2.594   -1.407  1.00 36.76 ? 18  8RO B C2    1 
HETATM 356 O  O2    . 8RO B 1 6  ? -0.278  2.706   -1.340  1.00 36.41 ? 18  8RO B O2    1 
HETATM 357 N  N3    . 8RO B 1 6  ? 1.539   1.358   -1.589  1.00 37.31 ? 18  8RO B N3    1 
HETATM 358 C  C4    . 8RO B 1 6  ? 2.899   1.065   -1.677  1.00 36.10 ? 18  8RO B C4    1 
HETATM 359 S  S4    . 8RO B 1 6  ? 3.344   -0.133  -1.831  1.00 35.43 ? 18  8RO B S4    1 
HETATM 360 C  C5    . 8RO B 1 6  ? 3.739   2.267   -1.543  1.00 36.74 ? 18  8RO B C5    1 
HETATM 361 C  C7    . 8RO B 1 6  ? 5.236   2.162   -1.615  1.00 35.98 ? 18  8RO B C7    1 
HETATM 362 C  C6    . 8RO B 1 6  ? 3.146   3.485   -1.365  1.00 33.63 ? 18  8RO B C6    1 
HETATM 363 P  P     . 8RO B 1 7  ? -0.033  8.394   1.349   1.00 46.09 ? 19  8RO B P     1 
HETATM 364 O  OP1   . 8RO B 1 7  ? -0.890  9.601   1.317   1.00 46.45 ? 19  8RO B OP1   1 
HETATM 365 O  OP2   . 8RO B 1 7  ? 1.171   8.303   2.196   1.00 45.16 ? 19  8RO B OP2   1 
HETATM 366 O  "O5'" . 8RO B 1 7  ? -0.951  7.161   1.745   1.00 43.51 ? 19  8RO B "O5'" 1 
HETATM 367 C  "C5'" . 8RO B 1 7  ? -2.155  6.936   1.050   1.00 40.71 ? 19  8RO B "C5'" 1 
HETATM 368 C  "C4'" . 8RO B 1 7  ? -2.789  5.708   1.648   1.00 41.24 ? 19  8RO B "C4'" 1 
HETATM 369 O  "O4'" . 8RO B 1 7  ? -1.969  4.547   1.428   1.00 34.80 ? 19  8RO B "O4'" 1 
HETATM 370 C  "C3'" . 8RO B 1 7  ? -2.984  5.807   3.151   1.00 42.15 ? 19  8RO B "C3'" 1 
HETATM 371 O  "O3'" . 8RO B 1 7  ? -4.400  5.729   3.295   1.00 45.18 ? 19  8RO B "O3'" 1 
HETATM 372 C  "C2'" . 8RO B 1 7  ? -2.155  4.638   3.758   1.00 42.16 ? 19  8RO B "C2'" 1 
HETATM 373 C  "C1'" . 8RO B 1 7  ? -1.921  3.708   2.556   1.00 41.83 ? 19  8RO B "C1'" 1 
HETATM 374 N  N1    . 8RO B 1 7  ? -0.583  2.962   2.393   1.00 38.06 ? 19  8RO B N1    1 
HETATM 375 C  C2    . 8RO B 1 7  ? -0.601  1.641   2.005   1.00 38.00 ? 19  8RO B C2    1 
HETATM 376 O  O2    . 8RO B 1 7  ? -1.638  1.060   1.820   1.00 39.92 ? 19  8RO B O2    1 
HETATM 377 N  N3    . 8RO B 1 7  ? 0.629   1.017   1.851   1.00 35.03 ? 19  8RO B N3    1 
HETATM 378 C  C4    . 8RO B 1 7  ? 1.894   1.592   2.037   1.00 38.05 ? 19  8RO B C4    1 
HETATM 379 S  S4    . 8RO B 1 7  ? 2.991   0.949   1.853   1.00 37.19 ? 19  8RO B S4    1 
HETATM 380 C  C5    . 8RO B 1 7  ? 1.832   3.009   2.436   1.00 37.64 ? 19  8RO B C5    1 
HETATM 381 C  C7    . 8RO B 1 7  ? 3.087   3.798   2.683   1.00 41.64 ? 19  8RO B C7    1 
HETATM 382 C  C6    . 8RO B 1 7  ? 0.624   3.607   2.589   1.00 38.62 ? 19  8RO B C6    1 
ATOM   383 P  P     . DT  B 1 8  ? -5.089  5.960   4.728   1.00 50.95 ? 20  DT  B P     1 
ATOM   384 O  OP1   . DT  B 1 8  ? -6.441  6.490   4.440   1.00 51.40 ? 20  DT  B OP1   1 
ATOM   385 O  OP2   . DT  B 1 8  ? -4.147  6.704   5.603   1.00 45.48 ? 20  DT  B OP2   1 
ATOM   386 O  "O5'" . DT  B 1 8  ? -5.158  4.499   5.351   1.00 43.86 ? 20  DT  B "O5'" 1 
ATOM   387 C  "C5'" . DT  B 1 8  ? -5.780  3.450   4.637   1.00 48.12 ? 20  DT  B "C5'" 1 
ATOM   388 C  "C4'" . DT  B 1 8  ? -5.493  2.123   5.308   1.00 47.28 ? 20  DT  B "C4'" 1 
ATOM   389 O  "O4'" . DT  B 1 8  ? -4.202  1.617   4.865   1.00 43.31 ? 20  DT  B "O4'" 1 
ATOM   390 C  "C3'" . DT  B 1 8  ? -5.403  2.171   6.844   1.00 45.83 ? 20  DT  B "C3'" 1 
ATOM   391 O  "O3'" . DT  B 1 8  ? -5.903  0.968   7.369   1.00 48.47 ? 20  DT  B "O3'" 1 
ATOM   392 C  "C2'" . DT  B 1 8  ? -3.900  2.223   7.061   1.00 44.23 ? 20  DT  B "C2'" 1 
ATOM   393 C  "C1'" . DT  B 1 8  ? -3.511  1.205   6.014   1.00 42.32 ? 20  DT  B "C1'" 1 
ATOM   394 N  N1    . DT  B 1 8  ? -2.067  1.106   5.743   1.00 42.11 ? 20  DT  B N1    1 
ATOM   395 C  C2    . DT  B 1 8  ? -1.579  -0.067  5.222   1.00 39.14 ? 20  DT  B C2    1 
ATOM   396 O  O2    . DT  B 1 8  ? -2.292  -1.021  4.951   1.00 38.74 ? 20  DT  B O2    1 
ATOM   397 N  N3    . DT  B 1 8  ? -0.226  -0.081  5.016   1.00 36.50 ? 20  DT  B N3    1 
ATOM   398 C  C4    . DT  B 1 8  ? 0.668   0.931   5.300   1.00 35.18 ? 20  DT  B C4    1 
ATOM   399 O  O4    . DT  B 1 8  ? 1.867   0.818   5.088   1.00 39.88 ? 20  DT  B O4    1 
ATOM   400 C  C5    . DT  B 1 8  ? 0.089   2.133   5.852   1.00 39.96 ? 20  DT  B C5    1 
ATOM   401 C  C7    . DT  B 1 8  ? 0.961   3.302   6.191   1.00 43.08 ? 20  DT  B C7    1 
ATOM   402 C  C6    . DT  B 1 8  ? -1.236  2.161   6.054   1.00 40.47 ? 20  DT  B C6    1 
ATOM   403 P  P     . DC  B 1 9  ? -7.117  0.943   8.424   1.00 46.10 ? 21  DC  B P     1 
ATOM   404 O  OP1   . DC  B 1 9  ? -8.244  1.693   7.830   1.00 47.83 ? 21  DC  B OP1   1 
ATOM   405 O  OP2   . DC  B 1 9  ? -6.595  1.319   9.761   1.00 49.26 ? 21  DC  B OP2   1 
ATOM   406 O  "O5'" . DC  B 1 9  ? -7.471  -0.606  8.491   1.00 45.58 ? 21  DC  B "O5'" 1 
ATOM   407 C  "C5'" . DC  B 1 9  ? -7.488  -1.365  7.300   1.00 46.85 ? 21  DC  B "C5'" 1 
ATOM   408 C  "C4'" . DC  B 1 9  ? -6.683  -2.633  7.475   1.00 47.41 ? 21  DC  B "C4'" 1 
ATOM   409 O  "O4'" . DC  B 1 9  ? -5.287  -2.371  7.209   1.00 39.53 ? 21  DC  B "O4'" 1 
ATOM   410 C  "C3'" . DC  B 1 9  ? -6.747  -3.223  8.883   1.00 46.81 ? 21  DC  B "C3'" 1 
ATOM   411 O  "O3'" . DC  B 1 9  ? -7.192  -4.551  8.817   1.00 52.80 ? 21  DC  B "O3'" 1 
ATOM   412 C  "C2'" . DC  B 1 9  ? -5.312  -3.128  9.415   1.00 44.94 ? 21  DC  B "C2'" 1 
ATOM   413 C  "C1'" . DC  B 1 9  ? -4.501  -3.099  8.128   1.00 42.56 ? 21  DC  B "C1'" 1 
ATOM   414 N  N1    . DC  B 1 9  ? -3.196  -2.403  8.246   1.00 38.45 ? 21  DC  B N1    1 
ATOM   415 C  C2    . DC  B 1 9  ? -2.020  -3.071  7.898   1.00 37.74 ? 21  DC  B C2    1 
ATOM   416 O  O2    . DC  B 1 9  ? -2.079  -4.254  7.550   1.00 38.29 ? 21  DC  B O2    1 
ATOM   417 N  N3    . DC  B 1 9  ? -0.842  -2.411  7.978   1.00 37.01 ? 21  DC  B N3    1 
ATOM   418 C  C4    . DC  B 1 9  ? -0.817  -1.137  8.365   1.00 38.40 ? 21  DC  B C4    1 
ATOM   419 N  N4    . DC  B 1 9  ? 0.372   -0.524  8.417   1.00 38.32 ? 21  DC  B N4    1 
ATOM   420 C  C5    . DC  B 1 9  ? -2.008  -0.431  8.713   1.00 39.00 ? 21  DC  B C5    1 
ATOM   421 C  C6    . DC  B 1 9  ? -3.164  -1.095  8.634   1.00 38.09 ? 21  DC  B C6    1 
ATOM   422 P  P     . DG  B 1 10 ? -8.089  -5.130  10.011  1.00 58.25 ? 22  DG  B P     1 
ATOM   423 O  OP1   . DG  B 1 10 ? -9.162  -5.963  9.423   1.00 60.98 ? 22  DG  B OP1   1 
ATOM   424 O  OP2   . DG  B 1 10 ? -8.400  -3.981  10.894  1.00 57.67 ? 22  DG  B OP2   1 
ATOM   425 O  "O5'" . DG  B 1 10 ? -7.097  -6.097  10.790  1.00 54.67 ? 22  DG  B "O5'" 1 
ATOM   426 C  "C5'" . DG  B 1 10 ? -6.420  -7.114  10.082  1.00 51.93 ? 22  DG  B "C5'" 1 
ATOM   427 C  "C4'" . DG  B 1 10 ? -5.187  -7.546  10.837  1.00 50.88 ? 22  DG  B "C4'" 1 
ATOM   428 O  "O4'" . DG  B 1 10 ? -4.132  -6.563  10.661  1.00 47.47 ? 22  DG  B "O4'" 1 
ATOM   429 C  "C3'" . DG  B 1 10 ? -5.377  -7.681  12.351  1.00 48.36 ? 22  DG  B "C3'" 1 
ATOM   430 O  "O3'" . DG  B 1 10 ? -4.666  -8.798  12.786  1.00 54.33 ? 22  DG  B "O3'" 1 
ATOM   431 C  "C2'" . DG  B 1 10 ? -4.752  -6.398  12.887  1.00 47.00 ? 22  DG  B "C2'" 1 
ATOM   432 C  "C1'" . DG  B 1 10 ? -3.588  -6.272  11.928  1.00 45.59 ? 22  DG  B "C1'" 1 
ATOM   433 N  N9    . DG  B 1 10 ? -2.957  -4.957  11.886  1.00 38.84 ? 22  DG  B N9    1 
ATOM   434 C  C8    . DG  B 1 10 ? -3.528  -3.733  12.124  1.00 38.45 ? 22  DG  B C8    1 
ATOM   435 N  N7    . DG  B 1 10 ? -2.682  -2.740  12.005  1.00 40.73 ? 22  DG  B N7    1 
ATOM   436 C  C5    . DG  B 1 10 ? -1.477  -3.358  11.675  1.00 37.13 ? 22  DG  B C5    1 
ATOM   437 C  C6    . DG  B 1 10 ? -0.194  -2.807  11.414  1.00 37.53 ? 22  DG  B C6    1 
ATOM   438 O  O6    . DG  B 1 10 ? 0.158   -1.621  11.432  1.00 36.08 ? 22  DG  B O6    1 
ATOM   439 N  N1    . DG  B 1 10 ? 0.739   -3.797  11.118  1.00 37.23 ? 22  DG  B N1    1 
ATOM   440 C  C2    . DG  B 1 10 ? 0.468   -5.143  11.082  1.00 36.46 ? 22  DG  B C2    1 
ATOM   441 N  N2    . DG  B 1 10 ? 1.493   -5.951  10.782  1.00 36.71 ? 22  DG  B N2    1 
ATOM   442 N  N3    . DG  B 1 10 ? -0.723  -5.666  11.315  1.00 36.75 ? 22  DG  B N3    1 
ATOM   443 C  C4    . DG  B 1 10 ? -1.640  -4.718  11.600  1.00 37.92 ? 22  DG  B C4    1 
ATOM   444 P  P     . DC  B 1 11 ? -5.124  -9.593  14.097  1.00 59.06 ? 23  DC  B P     1 
ATOM   445 O  OP1   . DC  B 1 11 ? -5.993  -10.707 13.650  1.00 61.93 ? 23  DC  B OP1   1 
ATOM   446 O  OP2   . DC  B 1 11 ? -5.622  -8.592  15.073  1.00 52.11 ? 23  DC  B OP2   1 
ATOM   447 O  "O5'" . DC  B 1 11 ? -3.754  -10.204 14.643  1.00 53.06 ? 23  DC  B "O5'" 1 
ATOM   448 C  "C5'" . DC  B 1 11 ? -2.823  -10.776 13.733  1.00 49.41 ? 23  DC  B "C5'" 1 
ATOM   449 C  "C4'" . DC  B 1 11 ? -1.406  -10.445 14.157  1.00 49.60 ? 23  DC  B "C4'" 1 
ATOM   450 O  "O4'" . DC  B 1 11 ? -1.110  -9.085  13.798  1.00 48.40 ? 23  DC  B "O4'" 1 
ATOM   451 C  "C3'" . DC  B 1 11 ? -1.166  -10.534 15.666  1.00 43.90 ? 23  DC  B "C3'" 1 
ATOM   452 O  "O3'" . DC  B 1 11 ? -0.332  -11.605 15.965  1.00 43.83 ? 23  DC  B "O3'" 1 
ATOM   453 C  "C2'" . DC  B 1 11 ? -0.505  -9.206  16.045  1.00 41.93 ? 23  DC  B "C2'" 1 
ATOM   454 C  "C1'" . DC  B 1 11 ? -0.169  -8.585  14.703  1.00 43.03 ? 23  DC  B "C1'" 1 
ATOM   455 N  N1    . DC  B 1 11 ? -0.270  -7.121  14.722  1.00 40.30 ? 23  DC  B N1    1 
ATOM   456 C  C2    . DC  B 1 11 ? 0.874   -6.363  14.500  1.00 38.79 ? 23  DC  B C2    1 
ATOM   457 O  O2    . DC  B 1 11 ? 1.946   -6.946  14.273  1.00 39.98 ? 23  DC  B O2    1 
ATOM   458 N  N3    . DC  B 1 11 ? 0.784   -5.017  14.540  1.00 35.66 ? 23  DC  B N3    1 
ATOM   459 C  C4    . DC  B 1 11 ? -0.385  -4.434  14.787  1.00 37.67 ? 23  DC  B C4    1 
ATOM   460 N  N4    . DC  B 1 11 ? -0.418  -3.100  14.813  1.00 39.21 ? 23  DC  B N4    1 
ATOM   461 C  C5    . DC  B 1 11 ? -1.570  -5.194  15.028  1.00 39.23 ? 23  DC  B C5    1 
ATOM   462 C  C6    . DC  B 1 11 ? -1.467  -6.525  14.986  1.00 39.53 ? 23  DC  B C6    1 
ATOM   463 P  P     . DG  B 1 12 ? -0.131  -12.034 17.505  1.00 52.82 ? 24  DG  B P     1 
ATOM   464 O  OP1   . DG  B 1 12 ? 0.176   -13.480 17.484  1.00 50.38 ? 24  DG  B OP1   1 
ATOM   465 O  OP2   . DG  B 1 12 ? -1.263  -11.474 18.284  1.00 48.46 ? 24  DG  B OP2   1 
ATOM   466 O  "O5'" . DG  B 1 12 ? 1.187   -11.251 17.963  1.00 39.45 ? 24  DG  B "O5'" 1 
ATOM   467 C  "C5'" . DG  B 1 12 ? 2.420   -11.522 17.312  1.00 44.46 ? 24  DG  B "C5'" 1 
ATOM   468 C  "C4'" . DG  B 1 12 ? 3.415   -10.412 17.557  1.00 40.03 ? 24  DG  B "C4'" 1 
ATOM   469 O  "O4'" . DG  B 1 12 ? 2.946   -9.204  16.942  1.00 37.63 ? 24  DG  B "O4'" 1 
ATOM   470 C  "C3'" . DG  B 1 12 ? 3.588   -10.026 19.009  1.00 35.65 ? 24  DG  B "C3'" 1 
ATOM   471 O  "O3'" . DG  B 1 12 ? 4.503   -10.932 19.660  1.00 37.75 ? 24  DG  B "O3'" 1 
ATOM   472 C  "C2'" . DG  B 1 12 ? 4.170   -8.615  18.896  1.00 36.05 ? 24  DG  B "C2'" 1 
ATOM   473 C  "C1'" . DG  B 1 12 ? 3.590   -8.108  17.565  1.00 36.54 ? 24  DG  B "C1'" 1 
ATOM   474 N  N9    . DG  B 1 12 ? 2.638   -7.005  17.709  1.00 36.80 ? 24  DG  B N9    1 
ATOM   475 C  C8    . DG  B 1 12 ? 1.292   -7.092  17.963  1.00 37.43 ? 24  DG  B C8    1 
ATOM   476 N  N7    . DG  B 1 12 ? 0.700   -5.928  18.024  1.00 38.50 ? 24  DG  B N7    1 
ATOM   477 C  C5    . DG  B 1 12 ? 1.718   -5.014  17.797  1.00 35.60 ? 24  DG  B C5    1 
ATOM   478 C  C6    . DG  B 1 12 ? 1.685   -3.599  17.749  1.00 36.65 ? 24  DG  B C6    1 
ATOM   479 O  O6    . DG  B 1 12 ? 0.713   -2.844  17.914  1.00 38.66 ? 24  DG  B O6    1 
ATOM   480 N  N1    . DG  B 1 12 ? 2.945   -3.064  17.490  1.00 34.57 ? 24  DG  B N1    1 
ATOM   481 C  C2    . DG  B 1 12 ? 4.087   -3.804  17.304  1.00 33.19 ? 24  DG  B C2    1 
ATOM   482 N  N2    . DG  B 1 12 ? 5.208   -3.119  17.075  1.00 34.22 ? 24  DG  B N2    1 
ATOM   483 N  N3    . DG  B 1 12 ? 4.130   -5.124  17.343  1.00 35.09 ? 24  DG  B N3    1 
ATOM   484 C  C4    . DG  B 1 12 ? 2.916   -5.660  17.602  1.00 34.57 ? 24  DG  B C4    1 
HETATM 485 AG AG    . AG  C 2 .  ? 0.324   -0.980  1.365   1.00 33.59 ? 101 AG  A AG    1 
HETATM 486 AG AG    . AG  D 2 .  ? 1.827   -1.943  -2.160  1.00 35.49 ? 102 AG  A AG    1 
HETATM 487 K  K     . K   E 3 .  ? -3.501  -0.799  2.337   1.00 36.41 ? 103 K   A K     1 
HETATM 488 K  K     . K   F 3 .  ? -3.021  2.510   -0.764  1.00 37.05 ? 104 K   A K     1 
HETATM 489 AG AG    . AG  G 2 .  ? -0.118  -0.080  -1.505  1.00 33.23 ? 101 AG  B AG    1 
HETATM 490 AG AG    . AG  H 2 .  ? 3.021   -1.106  0.654   1.00 35.78 ? 102 AG  B AG    1 
HETATM 491 O  O     . HOH I 4 .  ? -0.388  5.994   -4.593  1.00 36.00 ? 201 HOH A O     1 
HETATM 492 O  O     . HOH I 4 .  ? 2.168   -8.751  7.206   1.00 44.03 ? 202 HOH A O     1 
HETATM 493 O  O     . HOH I 4 .  ? -2.373  -5.740  5.328   1.00 40.96 ? 203 HOH A O     1 
HETATM 494 O  O     . HOH I 4 .  ? -3.909  4.822   -1.910  1.00 41.65 ? 204 HOH A O     1 
HETATM 495 O  O     . HOH I 4 .  ? -1.194  -3.828  -6.393  1.00 37.09 ? 205 HOH A O     1 
HETATM 496 O  O     . HOH I 4 .  ? -6.071  -5.345  -3.346  1.00 42.70 ? 206 HOH A O     1 
HETATM 497 O  O     . HOH I 4 .  ? 0.114   7.771   -9.048  1.00 41.90 ? 207 HOH A O     1 
HETATM 498 O  O     . HOH I 4 .  ? -8.449  0.581   2.629   1.00 53.91 ? 208 HOH A O     1 
HETATM 499 O  O     . HOH I 4 .  ? 5.806   -3.752  2.583   1.00 41.06 ? 209 HOH A O     1 
HETATM 500 O  O     . HOH I 4 .  ? -6.003  -0.613  -8.467  1.00 38.26 ? 210 HOH A O     1 
HETATM 501 O  O     . HOH I 4 .  ? -1.499  -8.378  -1.921  1.00 41.03 ? 211 HOH A O     1 
HETATM 502 O  O     . HOH I 4 .  ? -4.946  -5.111  4.197   1.00 43.31 ? 212 HOH A O     1 
HETATM 503 O  O     . HOH I 4 .  ? 5.376   5.839   22.377  1.00 38.33 ? 213 HOH A O     1 
HETATM 504 O  O     . HOH I 4 .  ? -5.017  2.381   0.956   1.00 40.05 ? 214 HOH A O     1 
HETATM 505 O  O     . HOH I 4 .  ? -4.958  -6.273  -5.691  1.00 43.07 ? 215 HOH A O     1 
HETATM 506 O  O     . HOH J 4 .  ? 2.727   -5.585  -19.594 1.00 43.10 ? 201 HOH B O     1 
HETATM 507 O  O     . HOH J 4 .  ? 4.239   -1.490  -5.644  1.00 35.50 ? 202 HOH B O     1 
HETATM 508 O  O     . HOH J 4 .  ? -6.181  1.564   -13.387 1.00 48.92 ? 203 HOH B O     1 
HETATM 509 O  O     . HOH J 4 .  ? 4.994   6.027   0.044   1.00 46.33 ? 204 HOH B O     1 
HETATM 510 O  O     . HOH J 4 .  ? -10.083 -0.828  -22.955 1.00 44.41 ? 205 HOH B O     1 
HETATM 511 O  O     . HOH J 4 .  ? -5.196  -1.859  4.167   1.00 43.19 ? 206 HOH B O     1 
HETATM 512 O  O     . HOH J 4 .  ? 4.324   7.268   2.257   1.00 43.37 ? 207 HOH B O     1 
HETATM 513 O  O     . HOH J 4 .  ? 3.524   -3.582  -3.749  1.00 41.30 ? 208 HOH B O     1 
# 
loop_
_pdbx_poly_seq_scheme.asym_id 
_pdbx_poly_seq_scheme.entity_id 
_pdbx_poly_seq_scheme.seq_id 
_pdbx_poly_seq_scheme.mon_id 
_pdbx_poly_seq_scheme.ndb_seq_num 
_pdbx_poly_seq_scheme.pdb_seq_num 
_pdbx_poly_seq_scheme.auth_seq_num 
_pdbx_poly_seq_scheme.pdb_mon_id 
_pdbx_poly_seq_scheme.auth_mon_id 
_pdbx_poly_seq_scheme.pdb_strand_id 
_pdbx_poly_seq_scheme.pdb_ins_code 
_pdbx_poly_seq_scheme.hetero 
A 1 1  DC  1  1  1  DC  Cd  A . n 
A 1 2  DG  2  2  2  DG  Gd  A . n 
A 1 3  DC  3  3  3  DC  Cd  A . n 
A 1 4  DG  4  4  4  DG  Gd  A . n 
A 1 5  DA  5  5  5  DA  Ad  A . n 
A 1 6  8RO 6  6  6  8RO 4Sd A . n 
A 1 7  8RO 7  7  7  8RO 4Sd A . n 
A 1 8  DT  8  8  8  DT  Td  A . n 
A 1 9  DC  9  9  9  DC  Cd  A . n 
A 1 10 DG  10 10 10 DG  Gd  A . n 
A 1 11 DC  11 11 11 DC  Cd  A . n 
A 1 12 DG  12 12 12 DG  Gd  A . n 
B 1 1  DC  1  13 13 DC  Cd  B . n 
B 1 2  DG  2  14 14 DG  Gd  B . n 
B 1 3  DC  3  15 15 DC  Cd  B . n 
B 1 4  DG  4  16 16 DG  Gd  B . n 
B 1 5  DA  5  17 17 DA  Ad  B . n 
B 1 6  8RO 6  18 18 8RO 4Sd B . n 
B 1 7  8RO 7  19 19 8RO 4Sd B . n 
B 1 8  DT  8  20 20 DT  Td  B . n 
B 1 9  DC  9  21 21 DC  Cd  B . n 
B 1 10 DG  10 22 22 DG  Gd  B . n 
B 1 11 DC  11 23 23 DC  Cd  B . n 
B 1 12 DG  12 24 24 DG  Gd  B . n 
# 
loop_
_pdbx_nonpoly_scheme.asym_id 
_pdbx_nonpoly_scheme.entity_id 
_pdbx_nonpoly_scheme.mon_id 
_pdbx_nonpoly_scheme.ndb_seq_num 
_pdbx_nonpoly_scheme.pdb_seq_num 
_pdbx_nonpoly_scheme.auth_seq_num 
_pdbx_nonpoly_scheme.pdb_mon_id 
_pdbx_nonpoly_scheme.auth_mon_id 
_pdbx_nonpoly_scheme.pdb_strand_id 
_pdbx_nonpoly_scheme.pdb_ins_code 
C 2 AG  1  101 52  AG  AG  A . 
D 2 AG  1  102 54  AG  AG  A . 
E 3 K   1  103 61  K   K   A . 
F 3 K   1  104 62  K   K   A . 
G 2 AG  1  101 51  AG  AG  B . 
H 2 AG  1  102 53  AG  AG  B . 
I 4 HOH 1  201 102 HOH HOH A . 
I 4 HOH 2  202 119 HOH HOH A . 
I 4 HOH 3  203 105 HOH HOH A . 
I 4 HOH 4  204 101 HOH HOH A . 
I 4 HOH 5  205 111 HOH HOH A . 
I 4 HOH 6  206 114 HOH HOH A . 
I 4 HOH 7  207 121 HOH HOH A . 
I 4 HOH 8  208 116 HOH HOH A . 
I 4 HOH 9  209 108 HOH HOH A . 
I 4 HOH 10 210 112 HOH HOH A . 
I 4 HOH 11 211 122 HOH HOH A . 
I 4 HOH 12 212 118 HOH HOH A . 
I 4 HOH 13 213 104 HOH HOH A . 
I 4 HOH 14 214 117 HOH HOH A . 
I 4 HOH 15 215 123 HOH HOH A . 
J 4 HOH 1  201 103 HOH HOH B . 
J 4 HOH 2  202 110 HOH HOH B . 
J 4 HOH 3  203 106 HOH HOH B . 
J 4 HOH 4  204 115 HOH HOH B . 
J 4 HOH 5  205 107 HOH HOH B . 
J 4 HOH 6  206 120 HOH HOH B . 
J 4 HOH 7  207 109 HOH HOH B . 
J 4 HOH 8  208 113 HOH HOH B . 
# 
_pdbx_struct_assembly.id                   1 
_pdbx_struct_assembly.details              author_and_software_defined_assembly 
_pdbx_struct_assembly.method_details       PISA 
_pdbx_struct_assembly.oligomeric_details   dimeric 
_pdbx_struct_assembly.oligomeric_count     2 
# 
_pdbx_struct_assembly_gen.assembly_id       1 
_pdbx_struct_assembly_gen.oper_expression   1 
_pdbx_struct_assembly_gen.asym_id_list      A,B,C,D,E,F,G,H,I,J 
# 
loop_
_pdbx_struct_assembly_prop.biol_id 
_pdbx_struct_assembly_prop.type 
_pdbx_struct_assembly_prop.value 
_pdbx_struct_assembly_prop.details 
1 'ABSA (A^2)' 2610 ? 
1 MORE         -29  ? 
1 'SSA (A^2)'  4040 ? 
# 
_pdbx_struct_oper_list.id                   1 
_pdbx_struct_oper_list.type                 'identity operation' 
_pdbx_struct_oper_list.name                 1_555 
_pdbx_struct_oper_list.symmetry_operation   x,y,z 
_pdbx_struct_oper_list.matrix[1][1]         1.0000000000 
_pdbx_struct_oper_list.matrix[1][2]         0.0000000000 
_pdbx_struct_oper_list.matrix[1][3]         0.0000000000 
_pdbx_struct_oper_list.vector[1]            0.0000000000 
_pdbx_struct_oper_list.matrix[2][1]         0.0000000000 
_pdbx_struct_oper_list.matrix[2][2]         1.0000000000 
_pdbx_struct_oper_list.matrix[2][3]         0.0000000000 
_pdbx_struct_oper_list.vector[2]            0.0000000000 
_pdbx_struct_oper_list.matrix[3][1]         0.0000000000 
_pdbx_struct_oper_list.matrix[3][2]         0.0000000000 
_pdbx_struct_oper_list.matrix[3][3]         1.0000000000 
_pdbx_struct_oper_list.vector[3]            0.0000000000 
# 
loop_
_pdbx_struct_conn_angle.id 
_pdbx_struct_conn_angle.ptnr1_label_atom_id 
_pdbx_struct_conn_angle.ptnr1_label_alt_id 
_pdbx_struct_conn_angle.ptnr1_label_asym_id 
_pdbx_struct_conn_angle.ptnr1_label_comp_id 
_pdbx_struct_conn_angle.ptnr1_label_seq_id 
_pdbx_struct_conn_angle.ptnr1_auth_atom_id 
_pdbx_struct_conn_angle.ptnr1_auth_asym_id 
_pdbx_struct_conn_angle.ptnr1_auth_comp_id 
_pdbx_struct_conn_angle.ptnr1_auth_seq_id 
_pdbx_struct_conn_angle.ptnr1_PDB_ins_code 
_pdbx_struct_conn_angle.ptnr1_symmetry 
_pdbx_struct_conn_angle.ptnr2_label_atom_id 
_pdbx_struct_conn_angle.ptnr2_label_alt_id 
_pdbx_struct_conn_angle.ptnr2_label_asym_id 
_pdbx_struct_conn_angle.ptnr2_label_comp_id 
_pdbx_struct_conn_angle.ptnr2_label_seq_id 
_pdbx_struct_conn_angle.ptnr2_auth_atom_id 
_pdbx_struct_conn_angle.ptnr2_auth_asym_id 
_pdbx_struct_conn_angle.ptnr2_auth_comp_id 
_pdbx_struct_conn_angle.ptnr2_auth_seq_id 
_pdbx_struct_conn_angle.ptnr2_PDB_ins_code 
_pdbx_struct_conn_angle.ptnr2_symmetry 
_pdbx_struct_conn_angle.ptnr3_label_atom_id 
_pdbx_struct_conn_angle.ptnr3_label_alt_id 
_pdbx_struct_conn_angle.ptnr3_label_asym_id 
_pdbx_struct_conn_angle.ptnr3_label_comp_id 
_pdbx_struct_conn_angle.ptnr3_label_seq_id 
_pdbx_struct_conn_angle.ptnr3_auth_atom_id 
_pdbx_struct_conn_angle.ptnr3_auth_asym_id 
_pdbx_struct_conn_angle.ptnr3_auth_comp_id 
_pdbx_struct_conn_angle.ptnr3_auth_seq_id 
_pdbx_struct_conn_angle.ptnr3_PDB_ins_code 
_pdbx_struct_conn_angle.ptnr3_symmetry 
_pdbx_struct_conn_angle.value 
_pdbx_struct_conn_angle.value_esd 
1  N3    ? A 8RO 6 ? A 8RO 6   ? 1_555 AG ? C AG . ? A AG 101 ? 1_555 N3    ? B 8RO 7 ? B 8RO 19  ? 1_555 171.3 ? 
2  S4    ? A 8RO 6 ? A 8RO 6   ? 1_555 AG ? D AG . ? A AG 102 ? 1_555 S4    ? A 8RO 7 ? A 8RO 7   ? 1_555 99.8  ? 
3  S4    ? A 8RO 6 ? A 8RO 6   ? 1_555 AG ? D AG . ? A AG 102 ? 1_555 S4    ? B 8RO 6 ? B 8RO 18  ? 1_555 96.3  ? 
4  S4    ? A 8RO 7 ? A 8RO 7   ? 1_555 AG ? D AG . ? A AG 102 ? 1_555 S4    ? B 8RO 6 ? B 8RO 18  ? 1_555 161.8 ? 
5  O2    ? A 8RO 6 ? A 8RO 6   ? 1_555 K  ? E K  . ? A K  103 ? 1_555 "O4'" ? A 8RO 7 ? A 8RO 7   ? 1_555 80.8  ? 
6  O2    ? A 8RO 6 ? A 8RO 6   ? 1_555 K  ? E K  . ? A K  103 ? 1_555 O2    ? A 8RO 7 ? A 8RO 7   ? 1_555 79.6  ? 
7  "O4'" ? A 8RO 7 ? A 8RO 7   ? 1_555 K  ? E K  . ? A K  103 ? 1_555 O2    ? A 8RO 7 ? A 8RO 7   ? 1_555 69.2  ? 
8  O2    ? A 8RO 6 ? A 8RO 6   ? 1_555 K  ? E K  . ? A K  103 ? 1_555 O2    ? B 8RO 7 ? B 8RO 19  ? 1_555 91.6  ? 
9  "O4'" ? A 8RO 7 ? A 8RO 7   ? 1_555 K  ? E K  . ? A K  103 ? 1_555 O2    ? B 8RO 7 ? B 8RO 19  ? 1_555 132.7 ? 
10 O2    ? A 8RO 7 ? A 8RO 7   ? 1_555 K  ? E K  . ? A K  103 ? 1_555 O2    ? B 8RO 7 ? B 8RO 19  ? 1_555 63.6  ? 
11 O2    ? A 8RO 6 ? A 8RO 6   ? 1_555 K  ? E K  . ? A K  103 ? 1_555 O2    ? B DT  8 ? B DT  20  ? 1_555 82.9  ? 
12 "O4'" ? A 8RO 7 ? A 8RO 7   ? 1_555 K  ? E K  . ? A K  103 ? 1_555 O2    ? B DT  8 ? B DT  20  ? 1_555 137.6 ? 
13 O2    ? A 8RO 7 ? A 8RO 7   ? 1_555 K  ? E K  . ? A K  103 ? 1_555 O2    ? B DT  8 ? B DT  20  ? 1_555 144.5 ? 
14 O2    ? B 8RO 7 ? B 8RO 19  ? 1_555 K  ? E K  . ? A K  103 ? 1_555 O2    ? B DT  8 ? B DT  20  ? 1_555 86.4  ? 
15 O2    ? A 8RO 6 ? A 8RO 6   ? 1_555 K  ? E K  . ? A K  103 ? 1_555 O     ? J HOH . ? B HOH 206 ? 1_555 104.9 ? 
16 "O4'" ? A 8RO 7 ? A 8RO 7   ? 1_555 K  ? E K  . ? A K  103 ? 1_555 O     ? J HOH . ? B HOH 206 ? 1_555 79.2  ? 
17 O2    ? A 8RO 7 ? A 8RO 7   ? 1_555 K  ? E K  . ? A K  103 ? 1_555 O     ? J HOH . ? B HOH 206 ? 1_555 147.0 ? 
18 O2    ? B 8RO 7 ? B 8RO 19  ? 1_555 K  ? E K  . ? A K  103 ? 1_555 O     ? J HOH . ? B HOH 206 ? 1_555 146.7 ? 
19 O2    ? B DT  8 ? B DT  20  ? 1_555 K  ? E K  . ? A K  103 ? 1_555 O     ? J HOH . ? B HOH 206 ? 1_555 67.7  ? 
20 S4    ? A 8RO 6 ? A 8RO 6   ? 1_555 AG ? H AG . ? B AG 102 ? 1_555 S4    ? B 8RO 6 ? B 8RO 18  ? 1_555 98.4  ? 
21 S4    ? A 8RO 6 ? A 8RO 6   ? 1_555 AG ? H AG . ? B AG 102 ? 1_555 S4    ? B 8RO 7 ? B 8RO 19  ? 1_555 159.8 ? 
22 S4    ? B 8RO 6 ? B 8RO 18  ? 1_555 AG ? H AG . ? B AG 102 ? 1_555 S4    ? B 8RO 7 ? B 8RO 19  ? 1_555 98.9  ? 
23 O2    ? A 8RO 7 ? A 8RO 7   ? 1_555 K  ? F K  . ? A K  104 ? 1_555 O2    ? A DT  8 ? A DT  8   ? 1_555 88.5  ? 
24 O2    ? A 8RO 7 ? A 8RO 7   ? 1_555 K  ? F K  . ? A K  104 ? 1_555 O     ? I HOH . ? A HOH 204 ? 1_555 149.9 ? 
25 O2    ? A DT  8 ? A DT  8   ? 1_555 K  ? F K  . ? A K  104 ? 1_555 O     ? I HOH . ? A HOH 204 ? 1_555 65.9  ? 
26 O2    ? A 8RO 7 ? A 8RO 7   ? 1_555 K  ? F K  . ? A K  104 ? 1_555 O     ? I HOH . ? A HOH 214 ? 1_555 87.6  ? 
27 O2    ? A DT  8 ? A DT  8   ? 1_555 K  ? F K  . ? A K  104 ? 1_555 O     ? I HOH . ? A HOH 214 ? 1_555 124.5 ? 
28 O     ? I HOH . ? A HOH 204 ? 1_555 K  ? F K  . ? A K  104 ? 1_555 O     ? I HOH . ? A HOH 214 ? 1_555 94.0  ? 
29 O2    ? A 8RO 7 ? A 8RO 7   ? 1_555 K  ? F K  . ? A K  104 ? 1_555 O2    ? B 8RO 6 ? B 8RO 18  ? 1_555 92.6  ? 
30 O2    ? A DT  8 ? A DT  8   ? 1_555 K  ? F K  . ? A K  104 ? 1_555 O2    ? B 8RO 6 ? B 8RO 18  ? 1_555 84.3  ? 
31 O     ? I HOH . ? A HOH 204 ? 1_555 K  ? F K  . ? A K  104 ? 1_555 O2    ? B 8RO 6 ? B 8RO 18  ? 1_555 99.9  ? 
32 O     ? I HOH . ? A HOH 214 ? 1_555 K  ? F K  . ? A K  104 ? 1_555 O2    ? B 8RO 6 ? B 8RO 18  ? 1_555 151.1 ? 
33 O2    ? A 8RO 7 ? A 8RO 7   ? 1_555 K  ? F K  . ? A K  104 ? 1_555 "O4'" ? B 8RO 7 ? B 8RO 19  ? 1_555 128.1 ? 
34 O2    ? A DT  8 ? A DT  8   ? 1_555 K  ? F K  . ? A K  104 ? 1_555 "O4'" ? B 8RO 7 ? B 8RO 19  ? 1_555 138.8 ? 
35 O     ? I HOH . ? A HOH 204 ? 1_555 K  ? F K  . ? A K  104 ? 1_555 "O4'" ? B 8RO 7 ? B 8RO 19  ? 1_555 81.6  ? 
36 O     ? I HOH . ? A HOH 214 ? 1_555 K  ? F K  . ? A K  104 ? 1_555 "O4'" ? B 8RO 7 ? B 8RO 19  ? 1_555 80.3  ? 
37 O2    ? B 8RO 6 ? B 8RO 18  ? 1_555 K  ? F K  . ? A K  104 ? 1_555 "O4'" ? B 8RO 7 ? B 8RO 19  ? 1_555 76.9  ? 
38 O2    ? A 8RO 7 ? A 8RO 7   ? 1_555 K  ? F K  . ? A K  104 ? 1_555 O2    ? B 8RO 7 ? B 8RO 19  ? 1_555 61.8  ? 
39 O2    ? A DT  8 ? A DT  8   ? 1_555 K  ? F K  . ? A K  104 ? 1_555 O2    ? B 8RO 7 ? B 8RO 19  ? 1_555 143.8 ? 
40 O     ? I HOH . ? A HOH 204 ? 1_555 K  ? F K  . ? A K  104 ? 1_555 O2    ? B 8RO 7 ? B 8RO 19  ? 1_555 147.7 ? 
41 O     ? I HOH . ? A HOH 214 ? 1_555 K  ? F K  . ? A K  104 ? 1_555 O2    ? B 8RO 7 ? B 8RO 19  ? 1_555 77.5  ? 
42 O2    ? B 8RO 6 ? B 8RO 18  ? 1_555 K  ? F K  . ? A K  104 ? 1_555 O2    ? B 8RO 7 ? B 8RO 19  ? 1_555 77.3  ? 
43 "O4'" ? B 8RO 7 ? B 8RO 19  ? 1_555 K  ? F K  . ? A K  104 ? 1_555 O2    ? B 8RO 7 ? B 8RO 19  ? 1_555 66.3  ? 
44 N3    ? A 8RO 7 ? A 8RO 7   ? 1_555 AG ? G AG . ? B AG 101 ? 1_555 N3    ? B 8RO 6 ? B 8RO 18  ? 1_555 168.4 ? 
# 
loop_
_pdbx_audit_revision_history.ordinal 
_pdbx_audit_revision_history.data_content_type 
_pdbx_audit_revision_history.major_revision 
_pdbx_audit_revision_history.minor_revision 
_pdbx_audit_revision_history.revision_date 
1 'Structure model' 1 0 2017-09-20 
2 'Structure model' 1 1 2017-11-08 
3 'Structure model' 1 2 2023-11-22 
# 
_pdbx_audit_revision_details.ordinal             1 
_pdbx_audit_revision_details.revision_ordinal    1 
_pdbx_audit_revision_details.data_content_type   'Structure model' 
_pdbx_audit_revision_details.provider            repository 
_pdbx_audit_revision_details.type                'Initial release' 
_pdbx_audit_revision_details.description         ? 
_pdbx_audit_revision_details.details             ? 
# 
loop_
_pdbx_audit_revision_group.ordinal 
_pdbx_audit_revision_group.revision_ordinal 
_pdbx_audit_revision_group.data_content_type 
_pdbx_audit_revision_group.group 
1 2 'Structure model' 'Database references'    
2 3 'Structure model' 'Data collection'        
3 3 'Structure model' 'Database references'    
4 3 'Structure model' 'Derived calculations'   
5 3 'Structure model' 'Refinement description' 
# 
loop_
_pdbx_audit_revision_category.ordinal 
_pdbx_audit_revision_category.revision_ordinal 
_pdbx_audit_revision_category.data_content_type 
_pdbx_audit_revision_category.category 
1 2 'Structure model' citation                      
2 3 'Structure model' chem_comp_atom                
3 3 'Structure model' chem_comp_bond                
4 3 'Structure model' database_2                    
5 3 'Structure model' pdbx_initial_refinement_model 
6 3 'Structure model' pdbx_struct_conn_angle        
7 3 'Structure model' struct_conn                   
# 
loop_
_pdbx_audit_revision_item.ordinal 
_pdbx_audit_revision_item.revision_ordinal 
_pdbx_audit_revision_item.data_content_type 
_pdbx_audit_revision_item.item 
1  2 'Structure model' '_citation.journal_abbrev'                    
2  2 'Structure model' '_citation.journal_volume'                    
3  2 'Structure model' '_citation.page_first'                        
4  2 'Structure model' '_citation.page_last'                         
5  2 'Structure model' '_citation.pdbx_database_id_DOI'              
6  2 'Structure model' '_citation.pdbx_database_id_PubMed'           
7  2 'Structure model' '_citation.title'                             
8  3 'Structure model' '_database_2.pdbx_DOI'                        
9  3 'Structure model' '_database_2.pdbx_database_accession'         
10 3 'Structure model' '_pdbx_struct_conn_angle.ptnr1_auth_asym_id'  
11 3 'Structure model' '_pdbx_struct_conn_angle.ptnr1_auth_comp_id'  
12 3 'Structure model' '_pdbx_struct_conn_angle.ptnr1_auth_seq_id'   
13 3 'Structure model' '_pdbx_struct_conn_angle.ptnr1_label_asym_id' 
14 3 'Structure model' '_pdbx_struct_conn_angle.ptnr1_label_atom_id' 
15 3 'Structure model' '_pdbx_struct_conn_angle.ptnr1_label_comp_id' 
16 3 'Structure model' '_pdbx_struct_conn_angle.ptnr1_label_seq_id'  
17 3 'Structure model' '_pdbx_struct_conn_angle.ptnr2_auth_comp_id'  
18 3 'Structure model' '_pdbx_struct_conn_angle.ptnr2_auth_seq_id'   
19 3 'Structure model' '_pdbx_struct_conn_angle.ptnr2_label_asym_id' 
20 3 'Structure model' '_pdbx_struct_conn_angle.ptnr2_label_atom_id' 
21 3 'Structure model' '_pdbx_struct_conn_angle.ptnr2_label_comp_id' 
22 3 'Structure model' '_pdbx_struct_conn_angle.ptnr3_auth_asym_id'  
23 3 'Structure model' '_pdbx_struct_conn_angle.ptnr3_auth_comp_id'  
24 3 'Structure model' '_pdbx_struct_conn_angle.ptnr3_auth_seq_id'   
25 3 'Structure model' '_pdbx_struct_conn_angle.ptnr3_label_asym_id' 
26 3 'Structure model' '_pdbx_struct_conn_angle.ptnr3_label_atom_id' 
27 3 'Structure model' '_pdbx_struct_conn_angle.ptnr3_label_comp_id' 
28 3 'Structure model' '_pdbx_struct_conn_angle.ptnr3_label_seq_id'  
29 3 'Structure model' '_pdbx_struct_conn_angle.value'               
30 3 'Structure model' '_struct_conn.conn_type_id'                   
31 3 'Structure model' '_struct_conn.id'                             
32 3 'Structure model' '_struct_conn.pdbx_dist_value'                
33 3 'Structure model' '_struct_conn.pdbx_leaving_atom_flag'         
34 3 'Structure model' '_struct_conn.ptnr1_auth_asym_id'             
35 3 'Structure model' '_struct_conn.ptnr1_auth_comp_id'             
36 3 'Structure model' '_struct_conn.ptnr1_auth_seq_id'              
37 3 'Structure model' '_struct_conn.ptnr1_label_asym_id'            
38 3 'Structure model' '_struct_conn.ptnr1_label_atom_id'            
39 3 'Structure model' '_struct_conn.ptnr1_label_comp_id'            
40 3 'Structure model' '_struct_conn.ptnr1_label_seq_id'             
41 3 'Structure model' '_struct_conn.ptnr2_auth_asym_id'             
42 3 'Structure model' '_struct_conn.ptnr2_auth_comp_id'             
43 3 'Structure model' '_struct_conn.ptnr2_auth_seq_id'              
44 3 'Structure model' '_struct_conn.ptnr2_label_asym_id'            
45 3 'Structure model' '_struct_conn.ptnr2_label_atom_id'            
46 3 'Structure model' '_struct_conn.ptnr2_label_comp_id'            
47 3 'Structure model' '_struct_conn.ptnr2_label_seq_id'             
# 
_phasing.method   MR 
# 
loop_
_software.citation_id 
_software.classification 
_software.compiler_name 
_software.compiler_version 
_software.contact_author 
_software.contact_author_email 
_software.date 
_software.description 
_software.dependencies 
_software.hardware 
_software.language 
_software.location 
_software.mods 
_software.name 
_software.os 
_software.os_version 
_software.type 
_software.version 
_software.pdbx_ordinal 
? 'data scaling'    ? ? ? ? ? ? ? ? ? ? ? XSCALE      ? ? ? .           1 
? phasing           ? ? ? ? ? ? ? ? ? ? ? PHASER      ? ? ? .           2 
? refinement        ? ? ? ? ? ? ? ? ? ? ? PHENIX      ? ? ? 1.10.1_2155 3 
? 'data extraction' ? ? ? ? ? ? ? ? ? ? ? PDB_EXTRACT ? ? ? 3.22        4 
? 'data reduction'  ? ? ? ? ? ? ? ? ? ? ? XDS         ? ? ? .           5 
# 
_pdbx_validate_rmsd_angle.id                         1 
_pdbx_validate_rmsd_angle.PDB_model_num              1 
_pdbx_validate_rmsd_angle.auth_atom_id_1             "O4'" 
_pdbx_validate_rmsd_angle.auth_asym_id_1             B 
_pdbx_validate_rmsd_angle.auth_comp_id_1             DT 
_pdbx_validate_rmsd_angle.auth_seq_id_1              20 
_pdbx_validate_rmsd_angle.PDB_ins_code_1             ? 
_pdbx_validate_rmsd_angle.label_alt_id_1             ? 
_pdbx_validate_rmsd_angle.auth_atom_id_2             "C1'" 
_pdbx_validate_rmsd_angle.auth_asym_id_2             B 
_pdbx_validate_rmsd_angle.auth_comp_id_2             DT 
_pdbx_validate_rmsd_angle.auth_seq_id_2              20 
_pdbx_validate_rmsd_angle.PDB_ins_code_2             ? 
_pdbx_validate_rmsd_angle.label_alt_id_2             ? 
_pdbx_validate_rmsd_angle.auth_atom_id_3             N1 
_pdbx_validate_rmsd_angle.auth_asym_id_3             B 
_pdbx_validate_rmsd_angle.auth_comp_id_3             DT 
_pdbx_validate_rmsd_angle.auth_seq_id_3              20 
_pdbx_validate_rmsd_angle.PDB_ins_code_3             ? 
_pdbx_validate_rmsd_angle.label_alt_id_3             ? 
_pdbx_validate_rmsd_angle.angle_value                110.65 
_pdbx_validate_rmsd_angle.angle_target_value         108.30 
_pdbx_validate_rmsd_angle.angle_deviation            2.35 
_pdbx_validate_rmsd_angle.angle_standard_deviation   0.30 
_pdbx_validate_rmsd_angle.linker_flag                N 
# 
loop_
_chem_comp_atom.comp_id 
_chem_comp_atom.atom_id 
_chem_comp_atom.type_symbol 
_chem_comp_atom.pdbx_aromatic_flag 
_chem_comp_atom.pdbx_stereo_config 
_chem_comp_atom.pdbx_ordinal 
8RO P      P  N N 1   
8RO OP1    O  N N 2   
8RO OP2    O  N N 3   
8RO "O5'"  O  N N 4   
8RO "C5'"  C  N N 5   
8RO "C4'"  C  N R 6   
8RO "O4'"  O  N N 7   
8RO "C3'"  C  N S 8   
8RO "O3'"  O  N N 9   
8RO "C2'"  C  N N 10  
8RO "C1'"  C  N R 11  
8RO N1     N  N N 12  
8RO C2     C  N N 13  
8RO O2     O  N N 14  
8RO N3     N  N N 15  
8RO C4     C  N N 16  
8RO S4     S  N N 17  
8RO C5     C  N N 18  
8RO C7     C  N N 19  
8RO C6     C  N N 20  
8RO H1     H  N N 21  
8RO H2     H  N N 22  
8RO H3     H  N N 23  
8RO H4     H  N N 24  
8RO H5     H  N N 25  
8RO H6     H  N N 26  
8RO H7     H  N N 27  
8RO H8     H  N N 28  
8RO H9     H  N N 29  
8RO H10    H  N N 30  
8RO H11    H  N N 31  
8RO H12    H  N N 32  
8RO H13    H  N N 33  
8RO H14    H  N N 34  
8RO H15    H  N N 35  
AG  AG     AG N N 36  
DA  OP3    O  N N 37  
DA  P      P  N N 38  
DA  OP1    O  N N 39  
DA  OP2    O  N N 40  
DA  "O5'"  O  N N 41  
DA  "C5'"  C  N N 42  
DA  "C4'"  C  N R 43  
DA  "O4'"  O  N N 44  
DA  "C3'"  C  N S 45  
DA  "O3'"  O  N N 46  
DA  "C2'"  C  N N 47  
DA  "C1'"  C  N R 48  
DA  N9     N  Y N 49  
DA  C8     C  Y N 50  
DA  N7     N  Y N 51  
DA  C5     C  Y N 52  
DA  C6     C  Y N 53  
DA  N6     N  N N 54  
DA  N1     N  Y N 55  
DA  C2     C  Y N 56  
DA  N3     N  Y N 57  
DA  C4     C  Y N 58  
DA  HOP3   H  N N 59  
DA  HOP2   H  N N 60  
DA  "H5'"  H  N N 61  
DA  "H5''" H  N N 62  
DA  "H4'"  H  N N 63  
DA  "H3'"  H  N N 64  
DA  "HO3'" H  N N 65  
DA  "H2'"  H  N N 66  
DA  "H2''" H  N N 67  
DA  "H1'"  H  N N 68  
DA  H8     H  N N 69  
DA  H61    H  N N 70  
DA  H62    H  N N 71  
DA  H2     H  N N 72  
DC  OP3    O  N N 73  
DC  P      P  N N 74  
DC  OP1    O  N N 75  
DC  OP2    O  N N 76  
DC  "O5'"  O  N N 77  
DC  "C5'"  C  N N 78  
DC  "C4'"  C  N R 79  
DC  "O4'"  O  N N 80  
DC  "C3'"  C  N S 81  
DC  "O3'"  O  N N 82  
DC  "C2'"  C  N N 83  
DC  "C1'"  C  N R 84  
DC  N1     N  N N 85  
DC  C2     C  N N 86  
DC  O2     O  N N 87  
DC  N3     N  N N 88  
DC  C4     C  N N 89  
DC  N4     N  N N 90  
DC  C5     C  N N 91  
DC  C6     C  N N 92  
DC  HOP3   H  N N 93  
DC  HOP2   H  N N 94  
DC  "H5'"  H  N N 95  
DC  "H5''" H  N N 96  
DC  "H4'"  H  N N 97  
DC  "H3'"  H  N N 98  
DC  "HO3'" H  N N 99  
DC  "H2'"  H  N N 100 
DC  "H2''" H  N N 101 
DC  "H1'"  H  N N 102 
DC  H41    H  N N 103 
DC  H42    H  N N 104 
DC  H5     H  N N 105 
DC  H6     H  N N 106 
DG  OP3    O  N N 107 
DG  P      P  N N 108 
DG  OP1    O  N N 109 
DG  OP2    O  N N 110 
DG  "O5'"  O  N N 111 
DG  "C5'"  C  N N 112 
DG  "C4'"  C  N R 113 
DG  "O4'"  O  N N 114 
DG  "C3'"  C  N S 115 
DG  "O3'"  O  N N 116 
DG  "C2'"  C  N N 117 
DG  "C1'"  C  N R 118 
DG  N9     N  Y N 119 
DG  C8     C  Y N 120 
DG  N7     N  Y N 121 
DG  C5     C  Y N 122 
DG  C6     C  N N 123 
DG  O6     O  N N 124 
DG  N1     N  N N 125 
DG  C2     C  N N 126 
DG  N2     N  N N 127 
DG  N3     N  N N 128 
DG  C4     C  Y N 129 
DG  HOP3   H  N N 130 
DG  HOP2   H  N N 131 
DG  "H5'"  H  N N 132 
DG  "H5''" H  N N 133 
DG  "H4'"  H  N N 134 
DG  "H3'"  H  N N 135 
DG  "HO3'" H  N N 136 
DG  "H2'"  H  N N 137 
DG  "H2''" H  N N 138 
DG  "H1'"  H  N N 139 
DG  H8     H  N N 140 
DG  H1     H  N N 141 
DG  H21    H  N N 142 
DG  H22    H  N N 143 
DT  OP3    O  N N 144 
DT  P      P  N N 145 
DT  OP1    O  N N 146 
DT  OP2    O  N N 147 
DT  "O5'"  O  N N 148 
DT  "C5'"  C  N N 149 
DT  "C4'"  C  N R 150 
DT  "O4'"  O  N N 151 
DT  "C3'"  C  N S 152 
DT  "O3'"  O  N N 153 
DT  "C2'"  C  N N 154 
DT  "C1'"  C  N R 155 
DT  N1     N  N N 156 
DT  C2     C  N N 157 
DT  O2     O  N N 158 
DT  N3     N  N N 159 
DT  C4     C  N N 160 
DT  O4     O  N N 161 
DT  C5     C  N N 162 
DT  C7     C  N N 163 
DT  C6     C  N N 164 
DT  HOP3   H  N N 165 
DT  HOP2   H  N N 166 
DT  "H5'"  H  N N 167 
DT  "H5''" H  N N 168 
DT  "H4'"  H  N N 169 
DT  "H3'"  H  N N 170 
DT  "HO3'" H  N N 171 
DT  "H2'"  H  N N 172 
DT  "H2''" H  N N 173 
DT  "H1'"  H  N N 174 
DT  H3     H  N N 175 
DT  H71    H  N N 176 
DT  H72    H  N N 177 
DT  H73    H  N N 178 
DT  H6     H  N N 179 
HOH O      O  N N 180 
HOH H1     H  N N 181 
HOH H2     H  N N 182 
K   K      K  N N 183 
# 
loop_
_chem_comp_bond.comp_id 
_chem_comp_bond.atom_id_1 
_chem_comp_bond.atom_id_2 
_chem_comp_bond.value_order 
_chem_comp_bond.pdbx_aromatic_flag 
_chem_comp_bond.pdbx_stereo_config 
_chem_comp_bond.pdbx_ordinal 
8RO P     OP1    sing N N 1   
8RO P     OP2    sing N N 2   
8RO P     "O5'"  sing N N 3   
8RO "O5'" "C5'"  sing N N 4   
8RO "C5'" "C4'"  sing N N 5   
8RO "C4'" "O4'"  sing N N 6   
8RO "C4'" "C3'"  sing N N 7   
8RO "O4'" "C1'"  sing N N 8   
8RO "C3'" "O3'"  sing N N 9   
8RO "C3'" "C2'"  sing N N 10  
8RO "C2'" "C1'"  sing N N 11  
8RO "C1'" N1     sing N N 12  
8RO N1    C2     sing N N 13  
8RO N1    C6     sing N N 14  
8RO C2    O2     doub N N 15  
8RO C2    N3     sing N N 16  
8RO N3    C4     sing N N 17  
8RO N3    S4     sing N N 18  
8RO C4    S4     sing N N 19  
8RO C4    C5     doub N N 20  
8RO C5    C7     sing N N 21  
8RO C5    C6     sing N N 22  
8RO OP1   H1     sing N N 23  
8RO OP2   H2     sing N N 24  
8RO "C5'" H3     sing N N 25  
8RO "C5'" H4     sing N N 26  
8RO "C4'" H5     sing N N 27  
8RO "C3'" H6     sing N N 28  
8RO "O3'" H7     sing N N 29  
8RO "C2'" H8     sing N N 30  
8RO "C2'" H9     sing N N 31  
8RO "C1'" H10    sing N N 32  
8RO C7    H11    sing N N 33  
8RO C7    H12    sing N N 34  
8RO C7    H13    sing N N 35  
8RO C6    H14    sing N N 36  
8RO C6    H15    sing N N 37  
DA  OP3   P      sing N N 38  
DA  OP3   HOP3   sing N N 39  
DA  P     OP1    doub N N 40  
DA  P     OP2    sing N N 41  
DA  P     "O5'"  sing N N 42  
DA  OP2   HOP2   sing N N 43  
DA  "O5'" "C5'"  sing N N 44  
DA  "C5'" "C4'"  sing N N 45  
DA  "C5'" "H5'"  sing N N 46  
DA  "C5'" "H5''" sing N N 47  
DA  "C4'" "O4'"  sing N N 48  
DA  "C4'" "C3'"  sing N N 49  
DA  "C4'" "H4'"  sing N N 50  
DA  "O4'" "C1'"  sing N N 51  
DA  "C3'" "O3'"  sing N N 52  
DA  "C3'" "C2'"  sing N N 53  
DA  "C3'" "H3'"  sing N N 54  
DA  "O3'" "HO3'" sing N N 55  
DA  "C2'" "C1'"  sing N N 56  
DA  "C2'" "H2'"  sing N N 57  
DA  "C2'" "H2''" sing N N 58  
DA  "C1'" N9     sing N N 59  
DA  "C1'" "H1'"  sing N N 60  
DA  N9    C8     sing Y N 61  
DA  N9    C4     sing Y N 62  
DA  C8    N7     doub Y N 63  
DA  C8    H8     sing N N 64  
DA  N7    C5     sing Y N 65  
DA  C5    C6     sing Y N 66  
DA  C5    C4     doub Y N 67  
DA  C6    N6     sing N N 68  
DA  C6    N1     doub Y N 69  
DA  N6    H61    sing N N 70  
DA  N6    H62    sing N N 71  
DA  N1    C2     sing Y N 72  
DA  C2    N3     doub Y N 73  
DA  C2    H2     sing N N 74  
DA  N3    C4     sing Y N 75  
DC  OP3   P      sing N N 76  
DC  OP3   HOP3   sing N N 77  
DC  P     OP1    doub N N 78  
DC  P     OP2    sing N N 79  
DC  P     "O5'"  sing N N 80  
DC  OP2   HOP2   sing N N 81  
DC  "O5'" "C5'"  sing N N 82  
DC  "C5'" "C4'"  sing N N 83  
DC  "C5'" "H5'"  sing N N 84  
DC  "C5'" "H5''" sing N N 85  
DC  "C4'" "O4'"  sing N N 86  
DC  "C4'" "C3'"  sing N N 87  
DC  "C4'" "H4'"  sing N N 88  
DC  "O4'" "C1'"  sing N N 89  
DC  "C3'" "O3'"  sing N N 90  
DC  "C3'" "C2'"  sing N N 91  
DC  "C3'" "H3'"  sing N N 92  
DC  "O3'" "HO3'" sing N N 93  
DC  "C2'" "C1'"  sing N N 94  
DC  "C2'" "H2'"  sing N N 95  
DC  "C2'" "H2''" sing N N 96  
DC  "C1'" N1     sing N N 97  
DC  "C1'" "H1'"  sing N N 98  
DC  N1    C2     sing N N 99  
DC  N1    C6     sing N N 100 
DC  C2    O2     doub N N 101 
DC  C2    N3     sing N N 102 
DC  N3    C4     doub N N 103 
DC  C4    N4     sing N N 104 
DC  C4    C5     sing N N 105 
DC  N4    H41    sing N N 106 
DC  N4    H42    sing N N 107 
DC  C5    C6     doub N N 108 
DC  C5    H5     sing N N 109 
DC  C6    H6     sing N N 110 
DG  OP3   P      sing N N 111 
DG  OP3   HOP3   sing N N 112 
DG  P     OP1    doub N N 113 
DG  P     OP2    sing N N 114 
DG  P     "O5'"  sing N N 115 
DG  OP2   HOP2   sing N N 116 
DG  "O5'" "C5'"  sing N N 117 
DG  "C5'" "C4'"  sing N N 118 
DG  "C5'" "H5'"  sing N N 119 
DG  "C5'" "H5''" sing N N 120 
DG  "C4'" "O4'"  sing N N 121 
DG  "C4'" "C3'"  sing N N 122 
DG  "C4'" "H4'"  sing N N 123 
DG  "O4'" "C1'"  sing N N 124 
DG  "C3'" "O3'"  sing N N 125 
DG  "C3'" "C2'"  sing N N 126 
DG  "C3'" "H3'"  sing N N 127 
DG  "O3'" "HO3'" sing N N 128 
DG  "C2'" "C1'"  sing N N 129 
DG  "C2'" "H2'"  sing N N 130 
DG  "C2'" "H2''" sing N N 131 
DG  "C1'" N9     sing N N 132 
DG  "C1'" "H1'"  sing N N 133 
DG  N9    C8     sing Y N 134 
DG  N9    C4     sing Y N 135 
DG  C8    N7     doub Y N 136 
DG  C8    H8     sing N N 137 
DG  N7    C5     sing Y N 138 
DG  C5    C6     sing N N 139 
DG  C5    C4     doub Y N 140 
DG  C6    O6     doub N N 141 
DG  C6    N1     sing N N 142 
DG  N1    C2     sing N N 143 
DG  N1    H1     sing N N 144 
DG  C2    N2     sing N N 145 
DG  C2    N3     doub N N 146 
DG  N2    H21    sing N N 147 
DG  N2    H22    sing N N 148 
DG  N3    C4     sing N N 149 
DT  OP3   P      sing N N 150 
DT  OP3   HOP3   sing N N 151 
DT  P     OP1    doub N N 152 
DT  P     OP2    sing N N 153 
DT  P     "O5'"  sing N N 154 
DT  OP2   HOP2   sing N N 155 
DT  "O5'" "C5'"  sing N N 156 
DT  "C5'" "C4'"  sing N N 157 
DT  "C5'" "H5'"  sing N N 158 
DT  "C5'" "H5''" sing N N 159 
DT  "C4'" "O4'"  sing N N 160 
DT  "C4'" "C3'"  sing N N 161 
DT  "C4'" "H4'"  sing N N 162 
DT  "O4'" "C1'"  sing N N 163 
DT  "C3'" "O3'"  sing N N 164 
DT  "C3'" "C2'"  sing N N 165 
DT  "C3'" "H3'"  sing N N 166 
DT  "O3'" "HO3'" sing N N 167 
DT  "C2'" "C1'"  sing N N 168 
DT  "C2'" "H2'"  sing N N 169 
DT  "C2'" "H2''" sing N N 170 
DT  "C1'" N1     sing N N 171 
DT  "C1'" "H1'"  sing N N 172 
DT  N1    C2     sing N N 173 
DT  N1    C6     sing N N 174 
DT  C2    O2     doub N N 175 
DT  C2    N3     sing N N 176 
DT  N3    C4     sing N N 177 
DT  N3    H3     sing N N 178 
DT  C4    O4     doub N N 179 
DT  C4    C5     sing N N 180 
DT  C5    C7     sing N N 181 
DT  C5    C6     doub N N 182 
DT  C7    H71    sing N N 183 
DT  C7    H72    sing N N 184 
DT  C7    H73    sing N N 185 
DT  C6    H6     sing N N 186 
HOH O     H1     sing N N 187 
HOH O     H2     sing N N 188 
# 
loop_
_ndb_struct_conf_na.entry_id 
_ndb_struct_conf_na.feature 
5XUV 'double helix'        
5XUV 'b-form double helix' 
# 
loop_
_ndb_struct_na_base_pair.model_number 
_ndb_struct_na_base_pair.i_label_asym_id 
_ndb_struct_na_base_pair.i_label_comp_id 
_ndb_struct_na_base_pair.i_label_seq_id 
_ndb_struct_na_base_pair.i_symmetry 
_ndb_struct_na_base_pair.j_label_asym_id 
_ndb_struct_na_base_pair.j_label_comp_id 
_ndb_struct_na_base_pair.j_label_seq_id 
_ndb_struct_na_base_pair.j_symmetry 
_ndb_struct_na_base_pair.shear 
_ndb_struct_na_base_pair.stretch 
_ndb_struct_na_base_pair.stagger 
_ndb_struct_na_base_pair.buckle 
_ndb_struct_na_base_pair.propeller 
_ndb_struct_na_base_pair.opening 
_ndb_struct_na_base_pair.pair_number 
_ndb_struct_na_base_pair.pair_name 
_ndb_struct_na_base_pair.i_auth_asym_id 
_ndb_struct_na_base_pair.i_auth_seq_id 
_ndb_struct_na_base_pair.i_PDB_ins_code 
_ndb_struct_na_base_pair.j_auth_asym_id 
_ndb_struct_na_base_pair.j_auth_seq_id 
_ndb_struct_na_base_pair.j_PDB_ins_code 
_ndb_struct_na_base_pair.hbond_type_28 
_ndb_struct_na_base_pair.hbond_type_12 
1 A DC 1  1_555 B DG 12 1_555 0.350  -0.175 -0.065 -0.024 2.249   1.657  1  A_DC1:DG24_B  A 1  ? B 24 ? 19 1 
1 A DG 2  1_555 B DC 11 1_555 -0.342 -0.207 0.085  -1.831 -7.026  -3.400 2  A_DG2:DC23_B  A 2  ? B 23 ? 19 1 
1 A DC 3  1_555 B DG 10 1_555 -0.015 -0.095 0.300  -7.203 -8.155  1.336  3  A_DC3:DG22_B  A 3  ? B 22 ? 19 1 
1 A DG 4  1_555 B DC 9  1_555 -0.397 -0.163 -0.143 5.173  -11.876 1.659  4  A_DG4:DC21_B  A 4  ? B 21 ? 19 1 
1 A DA 5  1_555 B DT 8  1_555 -0.194 -0.150 -0.235 -7.719 -13.098 7.078  5  A_DA5:DT20_B  A 5  ? B 20 ? 20 1 
1 A DT 8  1_555 B DA 5  1_555 0.215  -0.050 -0.344 14.119 -14.774 9.049  6  A_DT8:DA17_B  A 8  ? B 17 ? 20 1 
1 A DC 9  1_555 B DG 4  1_555 0.180  -0.195 0.136  -7.846 -14.190 -0.017 7  A_DC9:DG16_B  A 9  ? B 16 ? 19 1 
1 A DG 10 1_555 B DC 3  1_555 -0.068 -0.230 0.328  3.976  -4.572  2.983  8  A_DG10:DC15_B A 10 ? B 15 ? 19 1 
1 A DC 11 1_555 B DG 2  1_555 0.152  -0.218 0.305  0.479  -17.698 -2.747 9  A_DC11:DG14_B A 11 ? B 14 ? 19 1 
1 A DG 12 1_555 B DC 1  1_555 -0.207 -0.157 0.211  9.533  0.225   0.494  10 A_DG12:DC13_B A 12 ? B 13 ? 19 1 
# 
loop_
_ndb_struct_na_base_pair_step.model_number 
_ndb_struct_na_base_pair_step.i_label_asym_id_1 
_ndb_struct_na_base_pair_step.i_label_comp_id_1 
_ndb_struct_na_base_pair_step.i_label_seq_id_1 
_ndb_struct_na_base_pair_step.i_symmetry_1 
_ndb_struct_na_base_pair_step.j_label_asym_id_1 
_ndb_struct_na_base_pair_step.j_label_comp_id_1 
_ndb_struct_na_base_pair_step.j_label_seq_id_1 
_ndb_struct_na_base_pair_step.j_symmetry_1 
_ndb_struct_na_base_pair_step.i_label_asym_id_2 
_ndb_struct_na_base_pair_step.i_label_comp_id_2 
_ndb_struct_na_base_pair_step.i_label_seq_id_2 
_ndb_struct_na_base_pair_step.i_symmetry_2 
_ndb_struct_na_base_pair_step.j_label_asym_id_2 
_ndb_struct_na_base_pair_step.j_label_comp_id_2 
_ndb_struct_na_base_pair_step.j_label_seq_id_2 
_ndb_struct_na_base_pair_step.j_symmetry_2 
_ndb_struct_na_base_pair_step.shift 
_ndb_struct_na_base_pair_step.slide 
_ndb_struct_na_base_pair_step.rise 
_ndb_struct_na_base_pair_step.tilt 
_ndb_struct_na_base_pair_step.roll 
_ndb_struct_na_base_pair_step.twist 
_ndb_struct_na_base_pair_step.x_displacement 
_ndb_struct_na_base_pair_step.y_displacement 
_ndb_struct_na_base_pair_step.helical_rise 
_ndb_struct_na_base_pair_step.inclination 
_ndb_struct_na_base_pair_step.tip 
_ndb_struct_na_base_pair_step.helical_twist 
_ndb_struct_na_base_pair_step.step_number 
_ndb_struct_na_base_pair_step.step_name 
_ndb_struct_na_base_pair_step.i_auth_asym_id_1 
_ndb_struct_na_base_pair_step.i_auth_seq_id_1 
_ndb_struct_na_base_pair_step.i_PDB_ins_code_1 
_ndb_struct_na_base_pair_step.j_auth_asym_id_1 
_ndb_struct_na_base_pair_step.j_auth_seq_id_1 
_ndb_struct_na_base_pair_step.j_PDB_ins_code_1 
_ndb_struct_na_base_pair_step.i_auth_asym_id_2 
_ndb_struct_na_base_pair_step.i_auth_seq_id_2 
_ndb_struct_na_base_pair_step.i_PDB_ins_code_2 
_ndb_struct_na_base_pair_step.j_auth_asym_id_2 
_ndb_struct_na_base_pair_step.j_auth_seq_id_2 
_ndb_struct_na_base_pair_step.j_PDB_ins_code_2 
1 A DC 1  1_555 B DG 12 1_555 A DG 2  1_555 B DC 11 1_555 -1.076 -0.486 3.378 -2.323 -2.152 32.941 -0.472 1.478  3.467 -3.784 
4.085  33.089 1 AA_DC1DG2:DC23DG24_BB   A 1  ? B 24 ? A 2  ? B 23 ? 
1 A DG 2  1_555 B DC 11 1_555 A DC 3  1_555 B DG 10 1_555 0.579  -0.376 3.423 -0.579 1.894  35.008 -0.921 -1.052 3.389 3.145  
0.961  35.062 2 AA_DG2DC3:DG22DC23_BB   A 2  ? B 23 ? A 3  ? B 22 ? 
1 A DC 3  1_555 B DG 10 1_555 A DG 4  1_555 B DC 9  1_555 -0.347 0.730  3.189 3.547  11.250 29.878 -0.726 1.274  3.189 20.827 
-6.566 32.072 3 AA_DC3DG4:DC21DG22_BB   A 3  ? B 22 ? A 4  ? B 21 ? 
1 A DG 4  1_555 B DC 9  1_555 A DA 5  1_555 B DT 8  1_555 0.595  0.082  3.537 2.302  1.226  39.246 -0.036 -0.586 3.566 1.823  
-3.423 39.329 4 AA_DG4DA5:DT20DC21_BB   A 4  ? B 21 ? A 5  ? B 20 ? 
1 A DT 8  1_555 B DA 5  1_555 A DC 9  1_555 B DG 4  1_555 -0.461 0.078  3.774 -4.197 -1.194 40.753 0.263  0.127  3.798 -1.709 
6.005  40.976 5 AA_DT8DC9:DG16DA17_BB   A 8  ? B 17 ? A 9  ? B 16 ? 
1 A DC 9  1_555 B DG 4  1_555 A DG 10 1_555 B DC 3  1_555 0.757  0.829  3.155 -0.802 3.613  30.279 0.874  -1.594 3.209 6.885  
1.528  30.500 6 AA_DC9DG10:DC15DG16_BB  A 9  ? B 16 ? A 10 ? B 15 ? 
1 A DG 10 1_555 B DC 3  1_555 A DC 11 1_555 B DG 2  1_555 -1.439 0.584  3.380 -2.397 -5.704 41.919 1.411  1.739  3.350 -7.921 
3.328  42.352 7 AA_DG10DC11:DG14DC15_BB A 10 ? B 15 ? A 11 ? B 14 ? 
1 A DC 11 1_555 B DG 2  1_555 A DG 12 1_555 B DC 1  1_555 1.327  0.903  3.193 2.207  -3.014 33.847 2.011  -1.922 3.180 -5.157 
-3.777 34.047 8 AA_DC11DG12:DC13DG14_BB A 11 ? B 14 ? A 12 ? B 13 ? 
# 
_pdbx_audit_support.funding_organization   MEXT 
_pdbx_audit_support.country                Japan 
_pdbx_audit_support.grant_number           17H03033 
_pdbx_audit_support.ordinal                1 
# 
loop_
_pdbx_entity_instance_feature.ordinal 
_pdbx_entity_instance_feature.comp_id 
_pdbx_entity_instance_feature.asym_id 
_pdbx_entity_instance_feature.seq_num 
_pdbx_entity_instance_feature.auth_comp_id 
_pdbx_entity_instance_feature.auth_asym_id 
_pdbx_entity_instance_feature.auth_seq_num 
_pdbx_entity_instance_feature.feature_type 
_pdbx_entity_instance_feature.details 
1 8RO ? ? 8RO ? ? 'SUBJECT OF INVESTIGATION' ? 
2 AG  ? ? AG  ? ? 'SUBJECT OF INVESTIGATION' ? 
# 
loop_
_pdbx_entity_nonpoly.entity_id 
_pdbx_entity_nonpoly.name 
_pdbx_entity_nonpoly.comp_id 
2 'SILVER ION'    AG  
3 'POTASSIUM ION' K   
4 water           HOH 
# 
_pdbx_initial_refinement_model.id               1 
_pdbx_initial_refinement_model.entity_id_list   ? 
_pdbx_initial_refinement_model.type             'experimental model' 
_pdbx_initial_refinement_model.source_name      PDB 
_pdbx_initial_refinement_model.accession_code   4L24 
_pdbx_initial_refinement_model.details          ? 
# 
_pdbx_struct_assembly_auth_evidence.id                     1 
_pdbx_struct_assembly_auth_evidence.assembly_id            1 
_pdbx_struct_assembly_auth_evidence.experimental_support   'assay for oligomerization' 
_pdbx_struct_assembly_auth_evidence.details                ? 
# 
